data_7NRR
#
_entry.id   7NRR
#
_cell.length_a   81.730
_cell.length_b   119.540
_cell.length_c   61.940
_cell.angle_alpha   90.000
_cell.angle_beta   90.000
_cell.angle_gamma   90.000
#
_symmetry.space_group_name_H-M   'P 21 21 2'
#
loop_
_entity.id
_entity.type
_entity.pdbx_description
1 polymer 'TRAP dicarboxylate transporter-DctP subunit'
2 non-polymer 'MAGNESIUM ION'
3 non-polymer 'CAFFEIC ACID'
4 water water
#
_entity_poly.entity_id   1
_entity_poly.type   'polypeptide(L)'
_entity_poly.pdbx_seq_one_letter_code
;QEAEYTLRLHHFFPASAPVHQEYFLPWKEAIEKESDGRLAVELYPS(MSE)QLGGTPPSLYDQAKDGQVDIIWTVLGYNS
GRFPRAEVFDLPFLPTSGAATSQAAHEYA(MSE)TH(MSE)QDELEGVYPIAVHTHSPGALHTKETRIEALEDIEGLK
(MSE)RGPSRLVNRYLAKLGAEPIG(MSE)PVAQALEALSRGVLDGTVIPFEAITA(MSE)GLADITTEHTIFSGDRALY
TT(MSE)(MSE)IVA(MSE)DQDKYDALPEDLQPIIDAHAGGREAYRIGQI(MSE)DQADHRQILAIQSGEQPGTITRLG
SEETARWQAVGQEVVDEWIAEAEEKGLDGQ(MSE)LYDDATRLVERYTRAAALEHHHHHH
;
_entity_poly.pdbx_strand_id   AAA,BBB
#
loop_
_chem_comp.id
_chem_comp.type
_chem_comp.name
_chem_comp.formula
DHC non-polymer 'CAFFEIC ACID' 'C9 H8 O4'
MG non-polymer 'MAGNESIUM ION' 'Mg 2'
#
# COMPACT_ATOMS: atom_id res chain seq x y z
N GLN A 1 -23.01 -5.66 14.48
CA GLN A 1 -23.47 -7.09 14.58
C GLN A 1 -22.49 -7.88 15.47
N GLU A 2 -22.96 -9.00 16.06
CA GLU A 2 -22.17 -9.85 16.99
C GLU A 2 -21.05 -10.55 16.24
N ALA A 3 -19.96 -10.85 16.93
CA ALA A 3 -18.83 -11.65 16.39
C ALA A 3 -19.35 -13.02 15.93
N GLU A 4 -19.13 -13.34 14.66
CA GLU A 4 -19.22 -14.71 14.11
C GLU A 4 -17.92 -15.44 14.42
N TYR A 5 -16.79 -14.73 14.33
CA TYR A 5 -15.44 -15.27 14.62
C TYR A 5 -14.61 -14.24 15.38
N THR A 6 -13.90 -14.71 16.41
CA THR A 6 -12.92 -13.94 17.19
C THR A 6 -11.51 -14.43 16.84
N LEU A 7 -10.68 -13.53 16.35
CA LEU A 7 -9.29 -13.85 15.94
C LEU A 7 -8.37 -13.34 17.07
N ARG A 8 -7.66 -14.26 17.74
CA ARG A 8 -6.61 -13.93 18.73
C ARG A 8 -5.25 -13.81 18.01
N LEU A 9 -4.65 -12.64 18.12
CA LEU A 9 -3.32 -12.30 17.57
C LEU A 9 -2.34 -12.20 18.73
N HIS A 10 -1.30 -13.02 18.69
CA HIS A 10 -0.35 -13.24 19.81
C HIS A 10 1.03 -12.82 19.33
N HIS A 11 1.77 -12.02 20.08
CA HIS A 11 3.18 -11.72 19.72
C HIS A 11 4.04 -11.43 20.95
N PHE A 12 5.34 -11.27 20.71
CA PHE A 12 6.45 -11.31 21.71
C PHE A 12 6.84 -9.88 22.13
N PHE A 13 6.33 -8.85 21.46
CA PHE A 13 6.70 -7.43 21.69
C PHE A 13 5.67 -6.76 22.61
N PRO A 14 6.05 -5.64 23.26
CA PRO A 14 5.11 -4.88 24.08
C PRO A 14 4.12 -4.10 23.23
N ALA A 15 3.02 -3.65 23.83
CA ALA A 15 1.91 -2.92 23.16
C ALA A 15 2.42 -1.58 22.62
N SER A 16 3.40 -0.97 23.30
CA SER A 16 4.01 0.33 22.94
C SER A 16 4.88 0.21 21.69
N ALA A 17 5.24 -1.00 21.25
CA ALA A 17 6.10 -1.18 20.05
C ALA A 17 5.46 -0.52 18.84
N PRO A 18 6.24 0.20 18.00
CA PRO A 18 5.72 0.81 16.78
C PRO A 18 4.80 -0.09 15.94
N VAL A 19 5.18 -1.36 15.72
CA VAL A 19 4.41 -2.25 14.80
C VAL A 19 3.05 -2.53 15.43
N HIS A 20 2.99 -2.55 16.75
CA HIS A 20 1.73 -2.79 17.49
C HIS A 20 0.85 -1.54 17.33
N GLN A 21 1.40 -0.38 17.67
CA GLN A 21 0.65 0.89 17.69
C GLN A 21 0.19 1.24 16.27
N GLU A 22 1.06 1.08 15.27
CA GLU A 22 0.84 1.69 13.94
C GLU A 22 0.37 0.63 12.94
N TYR A 23 0.48 -0.67 13.22
CA TYR A 23 0.00 -1.70 12.27
C TYR A 23 -1.10 -2.55 12.89
N PHE A 24 -0.84 -3.26 14.00
CA PHE A 24 -1.81 -4.22 14.57
C PHE A 24 -3.07 -3.49 15.02
N LEU A 25 -2.98 -2.33 15.69
CA LEU A 25 -4.21 -1.61 16.11
C LEU A 25 -5.02 -1.18 14.88
N PRO A 26 -4.47 -0.47 13.88
CA PRO A 26 -5.21 -0.18 12.65
C PRO A 26 -5.73 -1.43 11.92
N TRP A 27 -4.95 -2.52 11.92
CA TRP A 27 -5.35 -3.81 11.31
C TRP A 27 -6.60 -4.32 12.02
N LYS A 28 -6.57 -4.37 13.36
CA LYS A 28 -7.77 -4.70 14.17
C LYS A 28 -8.94 -3.78 13.77
N GLU A 29 -8.72 -2.48 13.68
CA GLU A 29 -9.78 -1.46 13.46
C GLU A 29 -10.45 -1.73 12.11
N ALA A 30 -9.66 -1.89 11.06
CA ALA A 30 -10.14 -2.14 9.68
C ALA A 30 -10.88 -3.49 9.57
N ILE A 31 -10.35 -4.56 10.18
CA ILE A 31 -10.97 -5.91 10.07
C ILE A 31 -12.35 -5.87 10.76
N GLU A 32 -12.45 -5.22 11.90
CA GLU A 32 -13.69 -5.15 12.68
C GLU A 32 -14.73 -4.27 11.99
N LYS A 33 -14.29 -3.14 11.41
CA LYS A 33 -15.15 -2.15 10.73
C LYS A 33 -15.69 -2.75 9.42
N GLU A 34 -14.81 -3.25 8.55
CA GLU A 34 -15.18 -3.73 7.20
C GLU A 34 -16.03 -5.01 7.30
N SER A 35 -15.92 -5.77 8.40
CA SER A 35 -16.68 -7.02 8.65
C SER A 35 -18.02 -6.70 9.35
N ASP A 36 -18.27 -5.42 9.68
CA ASP A 36 -19.47 -4.96 10.42
C ASP A 36 -19.57 -5.75 11.73
N GLY A 37 -18.43 -6.04 12.35
CA GLY A 37 -18.32 -6.71 13.66
C GLY A 37 -18.43 -8.21 13.58
N ARG A 38 -18.58 -8.80 12.39
CA ARG A 38 -18.63 -10.28 12.23
C ARG A 38 -17.24 -10.88 12.53
N LEU A 39 -16.16 -10.13 12.31
CA LEU A 39 -14.79 -10.50 12.75
C LEU A 39 -14.41 -9.58 13.92
N ALA A 40 -14.16 -10.15 15.10
CA ALA A 40 -13.48 -9.46 16.22
C ALA A 40 -12.00 -9.85 16.20
N VAL A 41 -11.11 -8.89 16.46
CA VAL A 41 -9.64 -9.13 16.54
C VAL A 41 -9.21 -8.73 17.96
N GLU A 42 -8.62 -9.68 18.69
CA GLU A 42 -8.09 -9.43 20.06
C GLU A 42 -6.56 -9.51 19.97
N LEU A 43 -5.88 -8.42 20.35
CA LEU A 43 -4.39 -8.32 20.32
C LEU A 43 -3.80 -8.76 21.67
N TYR A 44 -2.83 -9.67 21.66
CA TYR A 44 -2.14 -10.17 22.88
C TYR A 44 -0.64 -9.98 22.72
N PRO A 45 -0.10 -8.85 23.25
CA PRO A 45 1.34 -8.55 23.18
C PRO A 45 2.09 -9.32 24.27
N SER A 46 3.43 -9.20 24.29
CA SER A 46 4.29 -9.59 25.44
C SER A 46 4.03 -11.04 25.86
N MSE A 47 3.71 -11.91 24.90
CA MSE A 47 3.49 -13.33 25.11
C MSE A 47 2.44 -13.58 26.18
O MSE A 47 2.51 -14.59 26.90
CB MSE A 47 4.78 -14.06 25.48
CG MSE A 47 5.89 -13.93 24.48
SE MSE A 47 5.41 -14.69 22.75
CE MSE A 47 4.77 -16.48 23.17
N GLN A 48 1.41 -12.73 26.22
CA GLN A 48 0.39 -12.74 27.27
C GLN A 48 -0.43 -14.02 27.31
N LEU A 49 -0.50 -14.79 26.21
CA LEU A 49 -1.29 -16.05 26.17
C LEU A 49 -0.36 -17.25 26.41
N GLY A 50 0.91 -16.98 26.74
CA GLY A 50 1.87 -17.97 27.27
C GLY A 50 2.76 -18.57 26.21
N GLY A 51 3.71 -19.39 26.64
CA GLY A 51 4.81 -19.91 25.79
C GLY A 51 5.89 -18.86 25.59
N THR A 52 6.91 -19.18 24.79
CA THR A 52 8.05 -18.29 24.51
C THR A 52 8.08 -18.05 23.01
N PRO A 53 8.79 -16.99 22.55
CA PRO A 53 8.72 -16.56 21.15
C PRO A 53 8.96 -17.63 20.09
N PRO A 54 9.89 -18.60 20.29
CA PRO A 54 10.05 -19.70 19.34
C PRO A 54 8.78 -20.55 19.13
N SER A 55 7.87 -20.58 20.11
CA SER A 55 6.60 -21.36 20.05
C SER A 55 5.54 -20.66 19.18
N LEU A 56 5.72 -19.38 18.85
CA LEU A 56 4.67 -18.56 18.19
C LEU A 56 4.24 -19.17 16.85
N TYR A 57 5.16 -19.52 15.96
CA TYR A 57 4.78 -19.98 14.60
C TYR A 57 3.78 -21.13 14.75
N ASP A 58 4.08 -22.12 15.59
CA ASP A 58 3.24 -23.34 15.77
C ASP A 58 1.96 -23.00 16.55
N GLN A 59 1.97 -22.01 17.43
CA GLN A 59 0.70 -21.60 18.11
C GLN A 59 -0.34 -21.26 17.03
N ALA A 60 0.05 -20.52 16.00
CA ALA A 60 -0.85 -20.16 14.88
C ALA A 60 -1.11 -21.40 14.03
N LYS A 61 -0.07 -22.08 13.56
CA LYS A 61 -0.20 -23.24 12.65
C LYS A 61 -1.10 -24.29 13.30
N ASP A 62 -0.89 -24.57 14.59
CA ASP A 62 -1.60 -25.64 15.33
C ASP A 62 -2.94 -25.14 15.85
N GLY A 63 -3.20 -23.83 15.79
CA GLY A 63 -4.51 -23.23 16.10
C GLY A 63 -4.72 -22.93 17.58
N GLN A 64 -3.66 -22.93 18.39
CA GLN A 64 -3.80 -22.47 19.80
C GLN A 64 -4.25 -21.00 19.81
N VAL A 65 -3.72 -20.20 18.88
CA VAL A 65 -4.19 -18.82 18.60
C VAL A 65 -4.46 -18.70 17.09
N ASP A 66 -4.98 -17.58 16.61
CA ASP A 66 -5.44 -17.45 15.20
C ASP A 66 -4.33 -16.83 14.34
N ILE A 67 -3.63 -15.84 14.89
CA ILE A 67 -2.61 -15.01 14.21
C ILE A 67 -1.39 -14.85 15.13
N ILE A 68 -0.19 -15.00 14.59
CA ILE A 68 1.05 -14.68 15.34
C ILE A 68 1.89 -13.72 14.51
N TRP A 69 2.80 -13.04 15.22
CA TRP A 69 3.93 -12.28 14.64
C TRP A 69 5.24 -12.84 15.21
N THR A 70 6.14 -13.31 14.35
CA THR A 70 7.39 -13.93 14.83
C THR A 70 8.54 -13.74 13.85
N VAL A 71 9.72 -14.15 14.31
CA VAL A 71 10.98 -14.29 13.52
C VAL A 71 11.09 -15.73 13.07
N LEU A 72 11.20 -15.98 11.76
CA LEU A 72 11.24 -17.37 11.27
C LEU A 72 12.52 -18.03 11.80
N GLY A 73 13.62 -17.27 11.90
CA GLY A 73 14.92 -17.78 12.34
C GLY A 73 14.98 -18.14 13.82
N TYR A 74 13.95 -17.81 14.61
CA TYR A 74 13.83 -18.29 16.00
C TYR A 74 13.70 -19.81 16.03
N ASN A 75 13.34 -20.47 14.92
CA ASN A 75 13.29 -21.94 14.82
C ASN A 75 14.44 -22.41 13.92
N SER A 76 15.59 -22.74 14.50
CA SER A 76 16.81 -23.08 13.73
C SER A 76 16.51 -24.28 12.83
N GLY A 77 16.89 -24.18 11.56
CA GLY A 77 16.78 -25.28 10.58
C GLY A 77 15.40 -25.37 9.95
N ARG A 78 14.39 -24.69 10.50
CA ARG A 78 13.00 -24.93 10.08
C ARG A 78 12.63 -24.26 8.74
N PHE A 79 13.15 -23.07 8.47
CA PHE A 79 12.82 -22.28 7.25
C PHE A 79 14.12 -22.02 6.50
N PRO A 80 14.73 -23.07 5.93
CA PRO A 80 16.02 -22.94 5.24
C PRO A 80 16.01 -21.98 4.05
N ARG A 81 14.94 -21.93 3.24
CA ARG A 81 14.86 -20.99 2.09
C ARG A 81 14.72 -19.55 2.62
N ALA A 82 14.11 -19.35 3.79
CA ALA A 82 13.95 -17.99 4.36
C ALA A 82 15.31 -17.42 4.79
N GLU A 83 16.27 -18.29 5.10
CA GLU A 83 17.59 -17.90 5.65
C GLU A 83 18.37 -17.00 4.68
N VAL A 84 18.03 -17.04 3.38
CA VAL A 84 18.74 -16.23 2.36
C VAL A 84 18.64 -14.75 2.78
N PHE A 85 17.56 -14.33 3.44
CA PHE A 85 17.39 -12.90 3.82
C PHE A 85 18.18 -12.56 5.08
N ASP A 86 18.91 -13.48 5.71
CA ASP A 86 19.79 -13.19 6.88
C ASP A 86 21.19 -12.82 6.38
N LEU A 87 21.44 -12.91 5.08
CA LEU A 87 22.84 -12.88 4.60
C LEU A 87 23.35 -11.44 4.69
N PRO A 88 24.68 -11.28 4.89
CA PRO A 88 25.26 -9.95 5.07
C PRO A 88 25.09 -9.01 3.86
N PHE A 89 24.72 -7.77 4.13
CA PHE A 89 24.62 -6.65 3.15
C PHE A 89 23.61 -6.98 2.04
N LEU A 90 22.63 -7.86 2.32
CA LEU A 90 21.57 -8.16 1.31
C LEU A 90 20.51 -7.07 1.37
N PRO A 91 20.12 -6.54 2.56
CA PRO A 91 18.96 -5.67 2.66
C PRO A 91 19.22 -4.17 2.49
N THR A 92 18.16 -3.46 2.14
CA THR A 92 18.12 -1.99 2.15
C THR A 92 17.15 -1.59 3.26
N SER A 93 16.07 -0.94 2.87
CA SER A 93 15.13 -0.38 3.87
C SER A 93 14.22 -1.50 4.38
N GLY A 94 13.54 -1.31 5.50
CA GLY A 94 12.52 -2.28 5.91
C GLY A 94 11.44 -2.43 4.85
N ALA A 95 11.06 -1.30 4.22
CA ALA A 95 9.89 -1.17 3.35
C ALA A 95 10.19 -2.01 2.11
N ALA A 96 11.32 -1.74 1.49
CA ALA A 96 11.70 -2.35 0.21
C ALA A 96 12.06 -3.81 0.46
N THR A 97 12.83 -4.09 1.52
CA THR A 97 13.32 -5.46 1.79
C THR A 97 12.12 -6.34 2.15
N SER A 98 11.13 -5.80 2.86
CA SER A 98 9.89 -6.53 3.21
C SER A 98 9.12 -6.96 1.95
N GLN A 99 8.94 -6.05 1.00
CA GLN A 99 8.20 -6.32 -0.24
C GLN A 99 8.95 -7.43 -1.01
N ALA A 100 10.30 -7.37 -1.01
CA ALA A 100 11.17 -8.39 -1.65
C ALA A 100 10.97 -9.76 -0.94
N ALA A 101 10.96 -9.74 0.40
CA ALA A 101 10.77 -10.94 1.25
C ALA A 101 9.38 -11.54 0.96
N HIS A 102 8.32 -10.73 0.89
CA HIS A 102 6.95 -11.25 0.61
C HIS A 102 6.94 -11.93 -0.76
N GLU A 103 7.46 -11.26 -1.80
CA GLU A 103 7.49 -11.83 -3.18
C GLU A 103 8.32 -13.13 -3.18
N TYR A 104 9.52 -13.08 -2.59
CA TYR A 104 10.41 -14.26 -2.44
C TYR A 104 9.64 -15.43 -1.82
N ALA A 105 8.97 -15.22 -0.69
CA ALA A 105 8.16 -16.25 -0.01
C ALA A 105 7.09 -16.80 -0.93
N MSE A 106 6.43 -15.92 -1.69
CA MSE A 106 5.26 -16.33 -2.44
C MSE A 106 5.73 -17.25 -3.57
O MSE A 106 4.99 -18.17 -3.93
CB MSE A 106 4.50 -15.13 -3.00
CG MSE A 106 3.65 -14.38 -2.00
SE MSE A 106 2.57 -15.44 -0.71
CE MSE A 106 3.62 -15.38 0.94
N THR A 107 6.95 -17.01 -4.07
CA THR A 107 7.47 -17.75 -5.22
C THR A 107 8.35 -18.94 -4.83
N HIS A 108 8.87 -19.01 -3.60
CA HIS A 108 9.89 -20.03 -3.20
C HIS A 108 9.55 -20.78 -1.92
N MSE A 109 8.65 -20.26 -1.08
CA MSE A 109 8.48 -20.84 0.24
C MSE A 109 7.07 -21.41 0.44
O MSE A 109 6.53 -21.40 1.55
CB MSE A 109 8.80 -19.76 1.29
CG MSE A 109 10.26 -19.38 1.33
SE MSE A 109 10.55 -17.84 2.51
CE MSE A 109 9.60 -18.15 4.20
N GLN A 110 6.45 -21.91 -0.63
CA GLN A 110 5.09 -22.40 -0.52
C GLN A 110 5.08 -23.65 0.39
N ASP A 111 6.08 -24.54 0.25
CA ASP A 111 6.19 -25.76 1.10
C ASP A 111 6.52 -25.35 2.54
N GLU A 112 7.48 -24.43 2.73
CA GLU A 112 7.96 -24.04 4.08
C GLU A 112 6.84 -23.44 4.92
N LEU A 113 5.92 -22.74 4.25
CA LEU A 113 4.85 -21.95 4.93
C LEU A 113 3.52 -22.70 4.86
N GLU A 114 3.52 -23.96 4.41
CA GLU A 114 2.28 -24.78 4.36
C GLU A 114 1.66 -24.79 5.77
N GLY A 115 0.35 -24.54 5.87
CA GLY A 115 -0.36 -24.52 7.15
C GLY A 115 -0.53 -23.13 7.74
N VAL A 116 0.11 -22.08 7.18
CA VAL A 116 -0.17 -20.68 7.62
C VAL A 116 -0.66 -19.87 6.41
N TYR A 117 -1.59 -18.96 6.67
CA TYR A 117 -2.01 -17.89 5.73
C TYR A 117 -1.14 -16.68 6.03
N PRO A 118 -0.27 -16.27 5.09
CA PRO A 118 0.62 -15.13 5.31
C PRO A 118 -0.05 -13.77 5.15
N ILE A 119 -0.40 -13.13 6.27
CA ILE A 119 -0.88 -11.72 6.25
C ILE A 119 0.25 -10.84 5.72
N ALA A 120 1.47 -11.07 6.20
CA ALA A 120 2.67 -10.34 5.75
C ALA A 120 3.91 -11.18 6.01
N VAL A 121 4.68 -11.46 4.96
CA VAL A 121 6.08 -11.96 5.10
C VAL A 121 6.98 -10.77 4.81
N HIS A 122 7.78 -10.37 5.79
CA HIS A 122 8.52 -9.08 5.80
C HIS A 122 9.87 -9.25 6.48
N THR A 123 10.67 -8.19 6.52
CA THR A 123 11.95 -8.19 7.28
C THR A 123 11.87 -7.04 8.27
N HIS A 124 12.84 -6.92 9.18
CA HIS A 124 12.94 -5.67 9.97
C HIS A 124 13.78 -4.68 9.15
N SER A 125 13.80 -3.44 9.59
CA SER A 125 14.62 -2.33 9.03
C SER A 125 16.10 -2.61 9.35
N PRO A 126 17.07 -1.80 8.84
CA PRO A 126 18.49 -2.09 8.96
C PRO A 126 18.92 -2.51 10.37
N GLY A 127 19.50 -3.71 10.46
CA GLY A 127 20.17 -4.18 11.68
C GLY A 127 21.44 -3.39 11.93
N ALA A 128 21.67 -3.00 13.19
CA ALA A 128 22.83 -2.22 13.68
C ALA A 128 23.43 -2.90 14.90
N LEU A 129 24.63 -2.46 15.30
CA LEU A 129 25.34 -2.96 16.51
C LEU A 129 25.05 -2.04 17.68
N HIS A 130 24.65 -2.60 18.81
CA HIS A 130 24.30 -1.86 20.06
C HIS A 130 25.06 -2.53 21.20
N THR A 131 25.85 -1.75 21.96
CA THR A 131 26.72 -2.28 23.03
C THR A 131 26.59 -1.39 24.26
N LYS A 132 26.93 -1.96 25.41
CA LYS A 132 26.86 -1.28 26.73
C LYS A 132 28.00 -0.26 26.88
N GLU A 133 29.23 -0.62 26.48
CA GLU A 133 30.49 0.09 26.86
C GLU A 133 31.33 0.38 25.62
N THR A 134 31.50 -0.62 24.76
CA THR A 134 32.44 -0.57 23.63
C THR A 134 31.85 0.33 22.54
N ARG A 135 32.54 1.43 22.25
CA ARG A 135 32.31 2.21 21.00
C ARG A 135 32.99 1.42 19.89
N ILE A 136 32.24 0.80 18.98
CA ILE A 136 32.80 -0.01 17.86
C ILE A 136 33.12 0.94 16.70
N GLU A 137 34.40 1.28 16.55
CA GLU A 137 34.89 2.21 15.51
C GLU A 137 35.58 1.44 14.39
N ALA A 138 35.83 0.14 14.61
CA ALA A 138 36.62 -0.72 13.70
C ALA A 138 36.33 -2.20 13.99
N LEU A 139 36.60 -3.08 13.01
CA LEU A 139 36.35 -4.54 13.12
C LEU A 139 36.96 -5.08 14.42
N GLU A 140 38.17 -4.64 14.78
CA GLU A 140 38.94 -5.17 15.95
C GLU A 140 38.14 -4.97 17.24
N ASP A 141 37.30 -3.94 17.30
CA ASP A 141 36.56 -3.55 18.54
C ASP A 141 35.49 -4.60 18.88
N ILE A 142 35.07 -5.45 17.93
CA ILE A 142 33.97 -6.43 18.21
C ILE A 142 34.58 -7.76 18.65
N GLU A 143 35.91 -7.90 18.62
CA GLU A 143 36.61 -9.16 18.98
C GLU A 143 36.29 -9.57 20.41
N GLY A 144 35.63 -10.71 20.57
CA GLY A 144 35.35 -11.29 21.91
C GLY A 144 34.12 -10.70 22.55
N LEU A 145 33.41 -9.76 21.93
CA LEU A 145 32.15 -9.25 22.51
C LEU A 145 31.09 -10.35 22.43
N LYS A 146 30.36 -10.53 23.53
CA LYS A 146 29.20 -11.44 23.61
C LYS A 146 28.03 -10.70 22.99
N MSE A 147 27.64 -11.14 21.78
CA MSE A 147 26.65 -10.44 20.99
C MSE A 147 25.45 -11.35 20.73
O MSE A 147 25.59 -12.52 20.41
CB MSE A 147 27.28 -9.92 19.70
CG MSE A 147 28.46 -8.99 19.89
SE MSE A 147 27.86 -7.24 20.57
CE MSE A 147 26.77 -6.46 19.16
N ARG A 148 24.26 -10.79 20.91
CA ARG A 148 23.02 -11.51 20.66
C ARG A 148 22.57 -11.26 19.22
N GLY A 149 22.28 -12.32 18.48
CA GLY A 149 21.58 -12.26 17.18
C GLY A 149 20.33 -13.15 17.20
N PRO A 150 19.44 -12.96 16.22
CA PRO A 150 18.15 -13.66 16.19
C PRO A 150 18.13 -15.06 15.55
N SER A 151 19.19 -15.42 14.84
CA SER A 151 19.16 -16.58 13.90
C SER A 151 20.56 -17.15 13.73
N ARG A 152 20.64 -18.42 13.30
CA ARG A 152 21.95 -19.12 13.24
C ARG A 152 22.83 -18.46 12.15
N LEU A 153 22.24 -17.89 11.09
CA LEU A 153 23.05 -17.29 10.00
C LEU A 153 23.52 -15.88 10.40
N VAL A 154 22.78 -15.13 11.20
CA VAL A 154 23.30 -13.82 11.69
C VAL A 154 24.37 -14.10 12.75
N ASN A 155 24.15 -15.12 13.58
CA ASN A 155 25.12 -15.52 14.64
C ASN A 155 26.39 -16.03 13.94
N ARG A 156 26.23 -16.73 12.84
CA ARG A 156 27.38 -17.22 12.06
C ARG A 156 28.21 -16.02 11.59
N TYR A 157 27.54 -14.99 11.09
CA TYR A 157 28.22 -13.76 10.63
C TYR A 157 28.93 -13.09 11.81
N LEU A 158 28.23 -12.90 12.94
CA LEU A 158 28.83 -12.30 14.15
C LEU A 158 30.10 -13.06 14.59
N ALA A 159 30.13 -14.38 14.50
CA ALA A 159 31.34 -15.19 14.83
C ALA A 159 32.44 -14.96 13.79
N LYS A 160 32.10 -14.95 12.51
CA LYS A 160 33.09 -14.68 11.44
C LYS A 160 33.66 -13.27 11.62
N LEU A 161 32.90 -12.32 12.18
CA LEU A 161 33.38 -10.94 12.45
C LEU A 161 34.28 -10.91 13.71
N GLY A 162 34.27 -11.96 14.53
CA GLY A 162 35.19 -12.18 15.67
C GLY A 162 34.47 -11.94 16.98
N ALA A 163 33.15 -11.72 16.92
CA ALA A 163 32.31 -11.66 18.15
C ALA A 163 32.10 -13.08 18.72
N GLU A 164 31.51 -13.17 19.91
CA GLU A 164 30.98 -14.44 20.50
C GLU A 164 29.46 -14.40 20.55
N PRO A 165 28.82 -14.97 19.53
CA PRO A 165 27.36 -14.97 19.44
C PRO A 165 26.71 -15.83 20.53
N ILE A 166 25.63 -15.34 21.11
CA ILE A 166 24.75 -16.13 22.01
C ILE A 166 23.33 -16.03 21.45
N GLY A 167 22.83 -17.12 20.87
CA GLY A 167 21.49 -17.18 20.26
C GLY A 167 20.41 -17.10 21.34
N MSE A 168 19.44 -16.22 21.13
CA MSE A 168 18.26 -16.16 21.99
C MSE A 168 17.28 -15.17 21.35
O MSE A 168 17.71 -14.29 20.61
CB MSE A 168 18.62 -15.66 23.40
CG MSE A 168 19.19 -14.26 23.42
SE MSE A 168 19.69 -13.72 25.25
CE MSE A 168 21.50 -14.43 25.25
N PRO A 169 15.97 -15.30 21.61
CA PRO A 169 15.02 -14.28 21.17
C PRO A 169 15.31 -12.96 21.91
N VAL A 170 15.02 -11.84 21.24
CA VAL A 170 15.47 -10.49 21.70
C VAL A 170 14.80 -10.20 23.05
N ALA A 171 13.72 -10.93 23.38
CA ALA A 171 12.98 -10.80 24.67
C ALA A 171 13.83 -11.19 25.88
N GLN A 172 14.86 -12.01 25.72
CA GLN A 172 15.81 -12.35 26.82
C GLN A 172 16.94 -11.32 26.88
N ALA A 173 17.05 -10.39 25.92
CA ALA A 173 18.24 -9.53 25.75
C ALA A 173 18.40 -8.56 26.94
N LEU A 174 17.30 -7.97 27.42
CA LEU A 174 17.33 -6.99 28.55
C LEU A 174 18.04 -7.65 29.74
N GLU A 175 17.50 -8.77 30.24
CA GLU A 175 18.05 -9.46 31.45
C GLU A 175 19.48 -9.95 31.22
N ALA A 176 19.78 -10.49 30.05
CA ALA A 176 21.11 -11.05 29.73
C ALA A 176 22.16 -9.92 29.71
N LEU A 177 21.78 -8.75 29.19
CA LEU A 177 22.68 -7.57 29.18
C LEU A 177 22.85 -7.13 30.63
N SER A 178 21.74 -7.11 31.37
CA SER A 178 21.67 -6.62 32.77
C SER A 178 22.65 -7.43 33.63
N ARG A 179 22.75 -8.75 33.40
CA ARG A 179 23.53 -9.71 34.23
C ARG A 179 24.90 -9.99 33.62
N GLY A 180 25.29 -9.33 32.53
CA GLY A 180 26.66 -9.43 31.98
C GLY A 180 26.85 -10.68 31.14
N VAL A 181 25.76 -11.38 30.81
CA VAL A 181 25.79 -12.51 29.85
C VAL A 181 26.11 -11.93 28.47
N LEU A 182 25.60 -10.74 28.16
CA LEU A 182 25.81 -10.07 26.85
C LEU A 182 26.61 -8.80 27.05
N ASP A 183 27.43 -8.45 26.08
CA ASP A 183 28.00 -7.08 25.93
C ASP A 183 27.04 -6.21 25.10
N GLY A 184 26.27 -6.82 24.21
CA GLY A 184 25.35 -6.09 23.33
C GLY A 184 24.52 -7.02 22.48
N THR A 185 23.87 -6.46 21.46
CA THR A 185 22.89 -7.14 20.59
C THR A 185 22.86 -6.45 19.23
N VAL A 186 22.67 -7.23 18.16
CA VAL A 186 22.21 -6.65 16.88
C VAL A 186 20.68 -6.55 16.97
N ILE A 187 20.14 -5.49 16.40
CA ILE A 187 18.70 -5.25 16.17
C ILE A 187 18.65 -3.93 15.40
N PRO A 188 17.50 -3.62 14.77
CA PRO A 188 17.27 -2.28 14.25
C PRO A 188 17.01 -1.30 15.41
N PHE A 189 17.05 -0.01 15.11
CA PHE A 189 16.90 1.03 16.15
C PHE A 189 15.50 1.02 16.76
N GLU A 190 14.45 0.73 15.99
CA GLU A 190 13.07 0.77 16.52
C GLU A 190 12.89 -0.31 17.59
N ALA A 191 13.67 -1.41 17.52
CA ALA A 191 13.68 -2.53 18.48
C ALA A 191 14.33 -2.08 19.80
N ILE A 192 15.31 -1.16 19.73
CA ILE A 192 15.90 -0.43 20.89
C ILE A 192 14.77 0.28 21.64
N THR A 193 13.94 1.02 20.90
CA THR A 193 12.74 1.75 21.42
C THR A 193 11.81 0.74 22.10
N ALA A 194 11.43 -0.31 21.36
CA ALA A 194 10.45 -1.35 21.79
C ALA A 194 10.90 -2.02 23.09
N MSE A 195 12.17 -2.42 23.14
CA MSE A 195 12.68 -3.24 24.23
C MSE A 195 13.18 -2.40 25.39
O MSE A 195 13.63 -2.96 26.39
CB MSE A 195 13.81 -4.15 23.70
CG MSE A 195 13.35 -5.27 22.77
SE MSE A 195 12.37 -6.68 23.74
CE MSE A 195 10.48 -6.15 23.86
N GLY A 196 13.12 -1.07 25.31
CA GLY A 196 13.57 -0.20 26.40
C GLY A 196 15.05 -0.36 26.69
N LEU A 197 15.88 -0.40 25.64
CA LEU A 197 17.34 -0.67 25.72
C LEU A 197 18.14 0.62 25.54
N ALA A 198 17.51 1.76 25.20
CA ALA A 198 18.16 3.04 24.86
C ALA A 198 19.18 3.46 25.93
N ASP A 199 18.87 3.26 27.22
CA ASP A 199 19.71 3.67 28.37
C ASP A 199 20.64 2.54 28.81
N ILE A 200 20.65 1.40 28.09
CA ILE A 200 21.47 0.21 28.45
C ILE A 200 22.53 0.03 27.36
N THR A 201 22.13 -0.20 26.11
CA THR A 201 23.06 -0.22 24.96
C THR A 201 23.08 1.21 24.39
N THR A 202 24.06 2.01 24.82
CA THR A 202 24.14 3.46 24.54
C THR A 202 25.13 3.70 23.39
N GLU A 203 25.91 2.69 23.00
CA GLU A 203 26.84 2.78 21.85
C GLU A 203 26.19 2.08 20.66
N HIS A 204 26.09 2.76 19.53
CA HIS A 204 25.38 2.27 18.33
C HIS A 204 26.29 2.45 17.12
N THR A 205 26.51 1.41 16.33
CA THR A 205 27.34 1.46 15.10
C THR A 205 26.50 1.07 13.88
N ILE A 206 26.59 1.92 12.86
CA ILE A 206 25.93 1.75 11.55
C ILE A 206 27.05 1.85 10.51
N PHE A 207 26.70 1.68 9.25
CA PHE A 207 27.64 1.39 8.14
C PHE A 207 27.42 2.36 6.98
N SER A 208 28.38 2.39 6.06
CA SER A 208 28.36 3.18 4.81
C SER A 208 27.84 2.31 3.67
N GLY A 209 27.34 2.92 2.59
CA GLY A 209 27.00 2.22 1.34
C GLY A 209 25.52 1.95 1.21
N ASP A 210 25.14 1.27 0.13
CA ASP A 210 23.74 1.17 -0.35
C ASP A 210 23.03 -0.05 0.27
N ARG A 211 23.66 -0.74 1.25
CA ARG A 211 23.09 -1.96 1.87
C ARG A 211 23.34 -1.94 3.39
N ALA A 212 22.37 -2.43 4.14
CA ALA A 212 22.43 -2.55 5.62
C ALA A 212 23.17 -3.84 5.98
N LEU A 213 23.68 -3.89 7.21
CA LEU A 213 24.54 -5.00 7.70
C LEU A 213 23.80 -6.33 7.52
N TYR A 214 22.56 -6.41 7.95
CA TYR A 214 21.74 -7.63 7.82
C TYR A 214 20.31 -7.28 8.19
N THR A 215 19.39 -8.19 7.86
CA THR A 215 18.03 -8.21 8.45
C THR A 215 17.65 -9.67 8.68
N THR A 216 16.39 -9.94 8.97
CA THR A 216 15.87 -11.31 9.15
C THR A 216 14.40 -11.34 8.79
N MSE A 217 13.95 -12.48 8.26
CA MSE A 217 12.58 -12.62 7.80
C MSE A 217 11.66 -12.89 8.97
O MSE A 217 11.92 -13.74 9.82
CB MSE A 217 12.42 -13.74 6.76
CG MSE A 217 11.01 -13.83 6.21
SE MSE A 217 11.04 -14.90 4.59
CE MSE A 217 12.53 -14.43 3.40
N MSE A 218 10.58 -12.12 8.97
CA MSE A 218 9.52 -12.24 9.94
C MSE A 218 8.19 -12.51 9.25
O MSE A 218 8.08 -12.41 8.03
CB MSE A 218 9.51 -10.93 10.73
CG MSE A 218 10.87 -10.58 11.25
SE MSE A 218 10.86 -8.96 12.33
CE MSE A 218 9.70 -9.16 13.88
N ILE A 219 7.16 -12.85 10.04
CA ILE A 219 5.87 -13.21 9.49
C ILE A 219 4.76 -12.80 10.43
N VAL A 220 3.72 -12.21 9.84
CA VAL A 220 2.37 -12.13 10.47
C VAL A 220 1.62 -13.32 9.88
N ALA A 221 1.42 -14.38 10.65
CA ALA A 221 0.93 -15.68 10.14
C ALA A 221 -0.43 -16.00 10.74
N MSE A 222 -1.36 -16.38 9.85
CA MSE A 222 -2.67 -16.81 10.29
C MSE A 222 -2.76 -18.32 10.11
O MSE A 222 -2.28 -18.88 9.12
CB MSE A 222 -3.77 -16.06 9.53
CG MSE A 222 -5.13 -16.35 10.08
SE MSE A 222 -6.47 -15.24 9.19
CE MSE A 222 -8.12 -15.71 10.17
N ASP A 223 -3.39 -18.97 11.08
CA ASP A 223 -3.76 -20.38 10.97
C ASP A 223 -4.57 -20.62 9.69
N GLN A 224 -4.04 -21.38 8.73
CA GLN A 224 -4.73 -21.63 7.43
C GLN A 224 -6.11 -22.23 7.69
N ASP A 225 -6.23 -23.11 8.68
CA ASP A 225 -7.51 -23.77 9.07
C ASP A 225 -8.53 -22.72 9.51
N LYS A 226 -8.10 -21.70 10.27
CA LYS A 226 -9.05 -20.65 10.74
C LYS A 226 -9.49 -19.78 9.55
N TYR A 227 -8.57 -19.42 8.66
CA TYR A 227 -8.93 -18.68 7.41
C TYR A 227 -9.93 -19.53 6.62
N ASP A 228 -9.65 -20.83 6.44
CA ASP A 228 -10.45 -21.75 5.60
C ASP A 228 -11.86 -21.87 6.19
N ALA A 229 -11.97 -21.70 7.52
CA ALA A 229 -13.24 -21.86 8.27
C ALA A 229 -14.10 -20.62 8.11
N LEU A 230 -13.51 -19.48 7.72
CA LEU A 230 -14.29 -18.23 7.58
C LEU A 230 -15.25 -18.34 6.41
N PRO A 231 -16.46 -17.74 6.52
CA PRO A 231 -17.39 -17.69 5.37
C PRO A 231 -16.79 -16.93 4.17
N GLU A 232 -17.29 -17.25 2.98
CA GLU A 232 -16.82 -16.69 1.70
C GLU A 232 -16.94 -15.16 1.71
N ASP A 233 -17.75 -14.53 2.58
CA ASP A 233 -17.86 -13.05 2.60
C ASP A 233 -16.93 -12.42 3.65
N LEU A 234 -16.31 -13.21 4.54
CA LEU A 234 -15.31 -12.68 5.51
C LEU A 234 -13.88 -13.00 5.04
N GLN A 235 -13.64 -14.07 4.28
CA GLN A 235 -12.28 -14.33 3.76
C GLN A 235 -11.75 -13.11 3.01
N PRO A 236 -12.51 -12.46 2.10
CA PRO A 236 -12.02 -11.29 1.38
C PRO A 236 -11.69 -10.08 2.28
N ILE A 237 -12.29 -10.00 3.46
CA ILE A 237 -12.02 -8.89 4.41
C ILE A 237 -10.58 -9.06 4.91
N ILE A 238 -10.17 -10.31 5.14
CA ILE A 238 -8.77 -10.66 5.50
C ILE A 238 -7.86 -10.36 4.31
N ASP A 239 -8.20 -10.87 3.12
CA ASP A 239 -7.39 -10.70 1.88
C ASP A 239 -7.10 -9.20 1.64
N ALA A 240 -8.04 -8.30 1.95
CA ALA A 240 -7.92 -6.84 1.70
C ALA A 240 -6.82 -6.24 2.58
N HIS A 241 -6.41 -6.95 3.65
CA HIS A 241 -5.40 -6.51 4.63
C HIS A 241 -4.31 -7.58 4.76
N ALA A 242 -3.97 -8.20 3.64
CA ALA A 242 -2.95 -9.26 3.58
C ALA A 242 -2.19 -9.16 2.26
N GLY A 243 -0.87 -9.38 2.30
CA GLY A 243 -0.02 -9.52 1.11
C GLY A 243 1.13 -8.53 1.13
N GLY A 244 1.81 -8.39 -0.02
CA GLY A 244 3.07 -7.62 -0.15
C GLY A 244 2.90 -6.17 0.26
N ARG A 245 1.71 -5.61 0.06
CA ARG A 245 1.40 -4.22 0.44
C ARG A 245 1.48 -4.09 1.96
N GLU A 246 1.03 -5.11 2.69
CA GLU A 246 1.07 -5.13 4.18
C GLU A 246 2.55 -5.23 4.63
N ALA A 247 3.33 -6.04 3.96
CA ALA A 247 4.77 -6.23 4.26
C ALA A 247 5.51 -4.91 4.08
N TYR A 248 5.31 -4.26 2.93
CA TYR A 248 5.89 -2.91 2.65
C TYR A 248 5.52 -1.97 3.80
N ARG A 249 4.24 -1.94 4.18
CA ARG A 249 3.74 -1.03 5.24
C ARG A 249 4.44 -1.30 6.58
N ILE A 250 4.55 -2.58 6.97
CA ILE A 250 5.24 -2.94 8.24
C ILE A 250 6.69 -2.41 8.16
N GLY A 251 7.39 -2.65 7.06
CA GLY A 251 8.79 -2.21 6.93
C GLY A 251 8.91 -0.70 7.01
N GLN A 252 7.93 0.01 6.41
CA GLN A 252 7.88 1.49 6.38
C GLN A 252 7.68 2.00 7.80
N ILE A 253 6.76 1.42 8.57
CA ILE A 253 6.57 1.81 10.00
C ILE A 253 7.90 1.68 10.75
N MSE A 254 8.64 0.61 10.52
CA MSE A 254 9.88 0.38 11.26
C MSE A 254 10.92 1.40 10.79
O MSE A 254 11.64 1.98 11.60
CB MSE A 254 10.37 -1.05 11.08
CG MSE A 254 9.41 -2.15 11.55
SE MSE A 254 9.93 -3.81 10.62
CE MSE A 254 9.70 -5.04 12.13
N ASP A 255 11.01 1.62 9.47
CA ASP A 255 11.94 2.61 8.91
C ASP A 255 11.69 3.97 9.57
N GLN A 256 10.42 4.38 9.65
CA GLN A 256 10.05 5.70 10.25
C GLN A 256 10.43 5.71 11.73
N ALA A 257 10.20 4.63 12.45
CA ALA A 257 10.52 4.56 13.90
C ALA A 257 12.06 4.55 14.07
N ASP A 258 12.80 3.90 13.17
CA ASP A 258 14.28 3.99 13.20
C ASP A 258 14.70 5.44 13.17
N HIS A 259 14.13 6.21 12.24
CA HIS A 259 14.54 7.60 11.97
C HIS A 259 14.26 8.43 13.23
N ARG A 260 13.10 8.23 13.86
CA ARG A 260 12.76 8.99 15.09
C ARG A 260 13.82 8.73 16.16
N GLN A 261 14.14 7.45 16.40
CA GLN A 261 15.10 7.02 17.45
C GLN A 261 16.51 7.54 17.16
N ILE A 262 16.97 7.39 15.91
CA ILE A 262 18.32 7.88 15.52
C ILE A 262 18.38 9.41 15.74
N LEU A 263 17.37 10.15 15.27
CA LEU A 263 17.32 11.64 15.46
C LEU A 263 17.41 11.96 16.94
N ALA A 264 16.68 11.22 17.76
CA ALA A 264 16.56 11.47 19.21
C ALA A 264 17.94 11.30 19.87
N ILE A 265 18.72 10.31 19.43
CA ILE A 265 20.10 10.09 19.93
C ILE A 265 21.02 11.21 19.41
N GLN A 266 20.97 11.52 18.12
CA GLN A 266 21.87 12.52 17.48
C GLN A 266 21.65 13.89 18.11
N SER A 267 20.40 14.21 18.45
CA SER A 267 20.00 15.52 19.03
C SER A 267 20.34 15.62 20.52
N GLY A 268 20.69 14.51 21.18
CA GLY A 268 20.95 14.50 22.63
C GLY A 268 19.67 14.37 23.45
N GLU A 269 18.50 14.20 22.82
CA GLU A 269 17.22 14.00 23.58
C GLU A 269 17.32 12.66 24.32
N GLN A 270 17.94 11.64 23.72
CA GLN A 270 18.23 10.36 24.40
C GLN A 270 19.74 10.17 24.46
N PRO A 271 20.29 9.80 25.63
CA PRO A 271 21.72 9.51 25.74
C PRO A 271 22.15 8.42 24.74
N GLY A 272 23.38 8.50 24.28
CA GLY A 272 23.97 7.51 23.35
C GLY A 272 24.86 8.18 22.33
N THR A 273 25.57 7.36 21.57
CA THR A 273 26.41 7.83 20.45
C THR A 273 26.16 6.91 19.25
N ILE A 274 25.99 7.52 18.09
CA ILE A 274 25.86 6.80 16.79
C ILE A 274 27.19 6.97 16.06
N THR A 275 27.82 5.86 15.69
CA THR A 275 29.13 5.82 15.03
C THR A 275 28.89 5.20 13.66
N ARG A 276 29.08 5.97 12.60
CA ARG A 276 28.94 5.48 11.21
C ARG A 276 30.34 5.10 10.73
N LEU A 277 30.56 3.83 10.43
CA LEU A 277 31.87 3.36 9.90
C LEU A 277 31.97 3.84 8.46
N GLY A 278 33.11 4.40 8.07
CA GLY A 278 33.34 4.94 6.72
C GLY A 278 33.36 3.83 5.69
N SER A 279 33.55 4.20 4.42
CA SER A 279 33.52 3.28 3.24
C SER A 279 34.58 2.17 3.35
N GLU A 280 35.83 2.55 3.59
CA GLU A 280 36.97 1.61 3.64
C GLU A 280 36.73 0.62 4.79
N GLU A 281 36.31 1.13 5.95
CA GLU A 281 36.05 0.29 7.15
C GLU A 281 34.89 -0.67 6.84
N THR A 282 33.76 -0.14 6.36
CA THR A 282 32.57 -0.94 5.97
C THR A 282 33.02 -2.08 5.04
N ALA A 283 33.90 -1.78 4.10
CA ALA A 283 34.35 -2.73 3.07
C ALA A 283 34.90 -3.98 3.78
N ARG A 284 35.53 -3.78 4.94
CA ARG A 284 36.14 -4.89 5.75
C ARG A 284 35.01 -5.81 6.22
N TRP A 285 33.89 -5.24 6.69
CA TRP A 285 32.76 -6.03 7.22
C TRP A 285 32.01 -6.72 6.07
N GLN A 286 32.02 -6.12 4.87
CA GLN A 286 31.39 -6.67 3.65
C GLN A 286 32.24 -7.85 3.13
N ALA A 287 33.56 -7.75 3.22
CA ALA A 287 34.48 -8.84 2.76
C ALA A 287 34.22 -10.09 3.61
N VAL A 288 34.06 -9.94 4.92
CA VAL A 288 33.69 -11.09 5.82
C VAL A 288 32.29 -11.56 5.42
N GLY A 289 31.38 -10.61 5.21
CA GLY A 289 30.01 -10.85 4.71
C GLY A 289 29.99 -11.77 3.50
N GLN A 290 30.89 -11.55 2.55
CA GLN A 290 30.94 -12.35 1.29
C GLN A 290 31.27 -13.81 1.64
N GLU A 291 32.18 -14.04 2.60
CA GLU A 291 32.57 -15.40 3.01
C GLU A 291 31.32 -16.13 3.53
N VAL A 292 30.46 -15.48 4.30
CA VAL A 292 29.21 -16.11 4.81
C VAL A 292 28.31 -16.46 3.60
N VAL A 293 28.17 -15.54 2.64
CA VAL A 293 27.33 -15.74 1.43
C VAL A 293 27.84 -16.98 0.68
N ASP A 294 29.13 -17.03 0.37
CA ASP A 294 29.78 -18.13 -0.40
C ASP A 294 29.56 -19.46 0.33
N GLU A 295 29.74 -19.46 1.65
CA GLU A 295 29.58 -20.66 2.52
C GLU A 295 28.13 -21.15 2.47
N TRP A 296 27.17 -20.23 2.63
CA TRP A 296 25.72 -20.59 2.67
C TRP A 296 25.33 -21.26 1.35
N ILE A 297 25.76 -20.68 0.23
CA ILE A 297 25.45 -21.17 -1.14
C ILE A 297 26.02 -22.58 -1.30
N ALA A 298 27.25 -22.82 -0.87
CA ALA A 298 27.93 -24.15 -0.91
C ALA A 298 27.17 -25.14 -0.02
N GLU A 299 26.85 -24.75 1.23
CA GLU A 299 26.02 -25.55 2.17
C GLU A 299 24.69 -25.92 1.51
N ALA A 300 23.96 -24.93 1.00
CA ALA A 300 22.63 -25.10 0.36
C ALA A 300 22.74 -26.14 -0.76
N GLU A 301 23.75 -26.06 -1.63
CA GLU A 301 23.91 -26.90 -2.85
C GLU A 301 24.14 -28.36 -2.45
N GLU A 302 25.02 -28.59 -1.47
CA GLU A 302 25.38 -29.94 -0.94
C GLU A 302 24.12 -30.58 -0.33
N LYS A 303 23.20 -29.75 0.17
CA LYS A 303 21.95 -30.13 0.88
C LYS A 303 20.76 -30.18 -0.09
N GLY A 304 20.99 -30.04 -1.40
CA GLY A 304 19.95 -30.20 -2.44
C GLY A 304 19.39 -28.87 -2.94
N LEU A 305 19.21 -27.87 -2.06
CA LEU A 305 18.63 -26.54 -2.42
C LEU A 305 19.51 -25.85 -3.47
N ASP A 306 18.90 -25.10 -4.40
CA ASP A 306 19.64 -24.28 -5.38
C ASP A 306 19.94 -22.92 -4.72
N GLY A 307 20.88 -22.90 -3.78
CA GLY A 307 21.20 -21.67 -3.02
C GLY A 307 21.59 -20.51 -3.92
N GLN A 308 22.35 -20.77 -4.98
CA GLN A 308 22.84 -19.69 -5.87
C GLN A 308 21.64 -19.01 -6.52
N MSE A 309 20.63 -19.80 -6.87
CA MSE A 309 19.46 -19.28 -7.56
C MSE A 309 18.60 -18.49 -6.57
O MSE A 309 18.12 -17.41 -6.90
CB MSE A 309 18.69 -20.42 -8.26
CG MSE A 309 17.56 -20.99 -7.44
SE MSE A 309 15.94 -20.04 -7.94
CE MSE A 309 15.84 -20.99 -9.67
N LEU A 310 18.47 -19.01 -5.35
CA LEU A 310 17.67 -18.33 -4.34
C LEU A 310 18.36 -17.01 -3.97
N TYR A 311 19.69 -17.00 -3.89
CA TYR A 311 20.45 -15.77 -3.55
C TYR A 311 20.31 -14.76 -4.69
N ASP A 312 20.46 -15.19 -5.94
CA ASP A 312 20.30 -14.28 -7.10
C ASP A 312 18.88 -13.71 -7.10
N ASP A 313 17.87 -14.51 -6.78
CA ASP A 313 16.47 -14.03 -6.85
C ASP A 313 16.22 -13.06 -5.69
N ALA A 314 16.73 -13.34 -4.49
CA ALA A 314 16.52 -12.49 -3.28
C ALA A 314 17.15 -11.12 -3.54
N THR A 315 18.39 -11.10 -4.04
CA THR A 315 19.15 -9.85 -4.30
C THR A 315 18.45 -9.07 -5.42
N ARG A 316 18.00 -9.74 -6.50
CA ARG A 316 17.28 -9.10 -7.63
C ARG A 316 16.02 -8.39 -7.11
N LEU A 317 15.25 -9.07 -6.26
CA LEU A 317 13.99 -8.55 -5.66
C LEU A 317 14.29 -7.35 -4.76
N VAL A 318 15.32 -7.39 -3.92
CA VAL A 318 15.70 -6.22 -3.08
C VAL A 318 16.01 -5.05 -4.00
N GLU A 319 16.82 -5.25 -5.05
CA GLU A 319 17.25 -4.16 -5.95
C GLU A 319 16.01 -3.60 -6.66
N ARG A 320 15.17 -4.49 -7.21
CA ARG A 320 13.90 -4.12 -7.90
C ARG A 320 13.10 -3.18 -7.02
N TYR A 321 12.73 -3.58 -5.79
CA TYR A 321 11.79 -2.81 -4.93
C TYR A 321 12.46 -1.57 -4.37
N THR A 322 13.78 -1.60 -4.20
CA THR A 322 14.57 -0.43 -3.74
C THR A 322 14.56 0.64 -4.83
N ARG A 323 14.79 0.24 -6.08
CA ARG A 323 14.84 1.21 -7.22
C ARG A 323 13.46 1.80 -7.43
N ALA A 324 12.40 1.01 -7.28
CA ALA A 324 10.99 1.40 -7.51
C ALA A 324 10.60 2.46 -6.47
N ALA A 325 10.98 2.23 -5.21
CA ALA A 325 10.80 3.21 -4.11
C ALA A 325 11.63 4.48 -4.40
N ALA A 326 12.86 4.33 -4.91
CA ALA A 326 13.79 5.47 -5.19
C ALA A 326 13.25 6.32 -6.34
N LEU A 327 12.77 5.69 -7.42
CA LEU A 327 12.24 6.39 -8.62
C LEU A 327 11.01 7.22 -8.21
N GLU A 328 10.19 6.72 -7.30
CA GLU A 328 8.90 7.39 -7.00
C GLU A 328 9.16 8.76 -6.39
N HIS A 329 10.22 8.90 -5.57
CA HIS A 329 10.45 10.08 -4.70
C HIS A 329 11.95 10.40 -4.66
N ALA B 3 2.18 24.82 14.47
CA ALA B 3 2.03 24.32 13.04
C ALA B 3 2.81 25.25 12.10
N GLU B 4 3.71 24.68 11.30
CA GLU B 4 4.70 25.47 10.53
C GLU B 4 4.11 25.83 9.16
N TYR B 5 3.42 24.87 8.55
CA TYR B 5 2.64 25.06 7.30
C TYR B 5 1.26 24.42 7.49
N THR B 6 0.23 25.11 6.98
CA THR B 6 -1.17 24.62 6.96
C THR B 6 -1.54 24.34 5.50
N LEU B 7 -1.85 23.08 5.19
CA LEU B 7 -2.16 22.64 3.81
C LEU B 7 -3.69 22.57 3.66
N ARG B 8 -4.28 23.41 2.79
CA ARG B 8 -5.74 23.45 2.54
C ARG B 8 -6.04 22.47 1.40
N LEU B 9 -6.81 21.43 1.69
CA LEU B 9 -7.25 20.41 0.71
C LEU B 9 -8.71 20.66 0.32
N HIS B 10 -8.96 20.89 -0.97
CA HIS B 10 -10.25 21.38 -1.49
C HIS B 10 -10.81 20.35 -2.46
N HIS B 11 -12.07 19.94 -2.31
CA HIS B 11 -12.67 19.02 -3.32
C HIS B 11 -14.19 19.21 -3.43
N PHE B 12 -14.78 18.49 -4.38
CA PHE B 12 -16.13 18.74 -4.93
C PHE B 12 -17.19 17.93 -4.18
N PHE B 13 -16.81 16.98 -3.33
CA PHE B 13 -17.71 15.94 -2.77
C PHE B 13 -18.03 16.29 -1.33
N PRO B 14 -19.14 15.78 -0.79
CA PRO B 14 -19.47 16.02 0.62
C PRO B 14 -18.51 15.24 1.52
N ALA B 15 -18.37 15.68 2.77
CA ALA B 15 -17.50 15.07 3.80
C ALA B 15 -17.88 13.59 3.98
N SER B 16 -19.15 13.25 3.77
CA SER B 16 -19.67 11.88 4.00
C SER B 16 -19.24 10.91 2.88
N ALA B 17 -18.74 11.40 1.73
CA ALA B 17 -18.25 10.55 0.63
C ALA B 17 -17.23 9.52 1.13
N PRO B 18 -17.27 8.26 0.69
CA PRO B 18 -16.30 7.25 1.12
C PRO B 18 -14.83 7.67 0.97
N VAL B 19 -14.45 8.32 -0.13
CA VAL B 19 -13.01 8.72 -0.31
C VAL B 19 -12.64 9.75 0.76
N HIS B 20 -13.55 10.63 1.18
CA HIS B 20 -13.27 11.65 2.23
C HIS B 20 -13.10 10.96 3.59
N GLN B 21 -14.07 10.12 3.95
CA GLN B 21 -14.10 9.40 5.24
C GLN B 21 -12.93 8.40 5.31
N GLU B 22 -12.66 7.67 4.23
CA GLU B 22 -11.76 6.49 4.30
C GLU B 22 -10.33 6.85 3.86
N TYR B 23 -10.13 7.91 3.06
CA TYR B 23 -8.79 8.32 2.55
C TYR B 23 -8.38 9.68 3.13
N PHE B 24 -9.11 10.77 2.87
CA PHE B 24 -8.67 12.14 3.26
C PHE B 24 -8.57 12.29 4.78
N LEU B 25 -9.49 11.76 5.57
CA LEU B 25 -9.41 11.89 7.05
C LEU B 25 -8.15 11.15 7.56
N PRO B 26 -7.96 9.85 7.27
CA PRO B 26 -6.71 9.17 7.61
C PRO B 26 -5.44 9.83 7.04
N TRP B 27 -5.51 10.39 5.85
CA TRP B 27 -4.35 11.11 5.25
C TRP B 27 -4.00 12.31 6.13
N LYS B 28 -4.99 13.16 6.42
CA LYS B 28 -4.82 14.31 7.35
C LYS B 28 -4.17 13.77 8.63
N GLU B 29 -4.67 12.67 9.17
CA GLU B 29 -4.23 12.20 10.51
C GLU B 29 -2.76 11.74 10.39
N ALA B 30 -2.40 10.98 9.35
CA ALA B 30 -1.01 10.50 9.17
C ALA B 30 -0.05 11.70 9.05
N ILE B 31 -0.40 12.69 8.22
CA ILE B 31 0.48 13.87 7.94
C ILE B 31 0.63 14.68 9.23
N GLU B 32 -0.46 14.89 9.97
CA GLU B 32 -0.39 15.71 11.21
C GLU B 32 0.42 15.00 12.30
N LYS B 33 0.26 13.67 12.42
CA LYS B 33 0.92 12.89 13.50
C LYS B 33 2.41 12.81 13.19
N GLU B 34 2.76 12.38 11.97
CA GLU B 34 4.17 12.11 11.57
C GLU B 34 4.99 13.40 11.53
N SER B 35 4.41 14.53 11.17
CA SER B 35 5.08 15.85 11.17
C SER B 35 5.21 16.40 12.60
N ASP B 36 4.62 15.71 13.58
CA ASP B 36 4.56 16.17 15.00
C ASP B 36 3.83 17.51 15.09
N GLY B 37 2.84 17.74 14.21
CA GLY B 37 2.03 18.97 14.19
C GLY B 37 2.63 20.09 13.38
N ARG B 38 3.84 19.91 12.82
CA ARG B 38 4.47 20.96 11.99
C ARG B 38 3.69 21.10 10.69
N LEU B 39 3.06 20.03 10.21
CA LEU B 39 2.08 20.11 9.09
C LEU B 39 0.68 20.02 9.68
N ALA B 40 -0.19 20.98 9.34
CA ALA B 40 -1.65 20.91 9.53
C ALA B 40 -2.31 20.68 8.16
N VAL B 41 -3.30 19.79 8.11
CA VAL B 41 -4.10 19.49 6.89
C VAL B 41 -5.55 19.85 7.22
N GLU B 42 -6.09 20.84 6.53
CA GLU B 42 -7.50 21.30 6.65
C GLU B 42 -8.28 20.81 5.42
N LEU B 43 -9.32 20.01 5.64
CA LEU B 43 -10.12 19.43 4.54
C LEU B 43 -11.28 20.35 4.24
N TYR B 44 -11.48 20.72 2.98
CA TYR B 44 -12.62 21.57 2.56
C TYR B 44 -13.44 20.83 1.51
N PRO B 45 -14.47 20.08 1.93
CA PRO B 45 -15.33 19.36 0.99
C PRO B 45 -16.33 20.33 0.34
N SER B 46 -17.18 19.81 -0.56
CA SER B 46 -18.36 20.53 -1.11
C SER B 46 -17.99 21.90 -1.67
N MSE B 47 -16.80 22.03 -2.29
CA MSE B 47 -16.30 23.29 -2.81
C MSE B 47 -16.44 24.44 -1.81
O MSE B 47 -16.76 25.57 -2.19
CB MSE B 47 -17.01 23.65 -4.12
CG MSE B 47 -16.99 22.57 -5.16
SE MSE B 47 -15.16 22.19 -5.77
CE MSE B 47 -14.41 23.96 -6.19
N GLN B 48 -16.15 24.17 -0.53
CA GLN B 48 -16.42 25.13 0.53
C GLN B 48 -15.58 26.41 0.40
N LEU B 49 -14.49 26.38 -0.38
CA LEU B 49 -13.60 27.55 -0.59
C LEU B 49 -13.94 28.25 -1.92
N GLY B 50 -14.99 27.80 -2.62
CA GLY B 50 -15.58 28.51 -3.77
C GLY B 50 -14.98 28.07 -5.08
N GLY B 51 -15.54 28.57 -6.20
CA GLY B 51 -15.22 28.10 -7.55
C GLY B 51 -15.99 26.83 -7.91
N THR B 52 -15.72 26.29 -9.09
CA THR B 52 -16.41 25.14 -9.70
C THR B 52 -15.49 23.92 -9.59
N PRO B 53 -16.00 22.68 -9.67
CA PRO B 53 -15.11 21.53 -9.76
C PRO B 53 -14.10 21.60 -10.90
N PRO B 54 -14.45 22.07 -12.12
CA PRO B 54 -13.45 22.18 -13.19
C PRO B 54 -12.27 23.11 -12.88
N SER B 55 -12.44 24.07 -11.98
CA SER B 55 -11.39 25.04 -11.57
C SER B 55 -10.39 24.40 -10.59
N LEU B 56 -10.65 23.20 -10.06
CA LEU B 56 -9.87 22.66 -8.89
C LEU B 56 -8.39 22.52 -9.25
N TYR B 57 -8.08 21.94 -10.41
CA TYR B 57 -6.69 21.62 -10.78
C TYR B 57 -5.87 22.92 -10.73
N ASP B 58 -6.42 24.01 -11.28
CA ASP B 58 -5.71 25.32 -11.31
C ASP B 58 -5.70 25.93 -9.91
N GLN B 59 -6.71 25.69 -9.07
CA GLN B 59 -6.68 26.19 -7.67
C GLN B 59 -5.40 25.67 -6.99
N ALA B 60 -5.04 24.42 -7.20
CA ALA B 60 -3.79 23.84 -6.65
C ALA B 60 -2.59 24.37 -7.43
N LYS B 61 -2.64 24.29 -8.76
CA LYS B 61 -1.46 24.64 -9.60
C LYS B 61 -1.05 26.11 -9.33
N ASP B 62 -2.01 27.02 -9.16
CA ASP B 62 -1.79 28.49 -9.05
C ASP B 62 -1.71 28.91 -7.57
N GLY B 63 -1.83 27.96 -6.65
CA GLY B 63 -1.57 28.16 -5.20
C GLY B 63 -2.73 28.82 -4.48
N GLN B 64 -3.92 28.88 -5.07
CA GLN B 64 -5.15 29.36 -4.38
C GLN B 64 -5.40 28.43 -3.18
N VAL B 65 -5.23 27.12 -3.37
CA VAL B 65 -5.24 26.10 -2.27
C VAL B 65 -3.99 25.23 -2.43
N ASP B 66 -3.72 24.32 -1.49
CA ASP B 66 -2.47 23.52 -1.47
C ASP B 66 -2.66 22.18 -2.16
N ILE B 67 -3.83 21.57 -1.94
CA ILE B 67 -4.15 20.20 -2.43
C ILE B 67 -5.57 20.19 -3.03
N ILE B 68 -5.76 19.52 -4.16
CA ILE B 68 -7.11 19.30 -4.72
C ILE B 68 -7.30 17.83 -5.08
N TRP B 69 -8.56 17.47 -5.21
CA TRP B 69 -9.02 16.18 -5.75
C TRP B 69 -9.97 16.50 -6.89
N THR B 70 -9.66 16.12 -8.12
CA THR B 70 -10.52 16.43 -9.28
C THR B 70 -10.44 15.32 -10.34
N VAL B 71 -11.25 15.50 -11.38
CA VAL B 71 -11.26 14.69 -12.61
C VAL B 71 -10.46 15.47 -13.66
N LEU B 72 -9.42 14.87 -14.24
CA LEU B 72 -8.60 15.55 -15.28
C LEU B 72 -9.48 15.92 -16.48
N GLY B 73 -10.44 15.07 -16.82
CA GLY B 73 -11.32 15.22 -17.99
C GLY B 73 -12.26 16.41 -17.90
N TYR B 74 -12.43 17.01 -16.70
CA TYR B 74 -13.24 18.22 -16.47
C TYR B 74 -12.71 19.40 -17.32
N ASN B 75 -11.42 19.40 -17.70
CA ASN B 75 -10.78 20.42 -18.57
C ASN B 75 -10.58 19.82 -19.96
N SER B 76 -11.50 20.08 -20.89
CA SER B 76 -11.54 19.42 -22.23
C SER B 76 -10.22 19.70 -22.95
N GLY B 77 -9.53 18.66 -23.42
CA GLY B 77 -8.33 18.80 -24.26
C GLY B 77 -7.07 19.11 -23.47
N ARG B 78 -7.19 19.41 -22.18
CA ARG B 78 -6.03 19.84 -21.36
C ARG B 78 -5.04 18.69 -21.12
N PHE B 79 -5.52 17.47 -20.87
CA PHE B 79 -4.71 16.29 -20.53
C PHE B 79 -4.95 15.20 -21.57
N PRO B 80 -4.40 15.36 -22.81
CA PRO B 80 -4.67 14.45 -23.92
C PRO B 80 -4.25 12.99 -23.67
N ARG B 81 -3.06 12.79 -23.09
CA ARG B 81 -2.51 11.44 -22.77
C ARG B 81 -3.37 10.75 -21.71
N ALA B 82 -3.89 11.51 -20.74
CA ALA B 82 -4.77 11.00 -19.66
C ALA B 82 -6.09 10.49 -20.24
N GLU B 83 -6.53 11.02 -21.39
CA GLU B 83 -7.82 10.64 -22.01
C GLU B 83 -7.85 9.15 -22.33
N VAL B 84 -6.71 8.49 -22.48
CA VAL B 84 -6.73 7.05 -22.88
C VAL B 84 -7.52 6.23 -21.84
N PHE B 85 -7.52 6.64 -20.57
CA PHE B 85 -8.19 5.89 -19.48
C PHE B 85 -9.71 6.14 -19.52
N ASP B 86 -10.23 6.93 -20.44
CA ASP B 86 -11.69 7.12 -20.60
C ASP B 86 -12.26 6.11 -21.61
N LEU B 87 -11.42 5.34 -22.29
CA LEU B 87 -11.91 4.58 -23.46
C LEU B 87 -12.80 3.44 -23.00
N PRO B 88 -13.80 3.07 -23.85
CA PRO B 88 -14.78 2.06 -23.50
C PRO B 88 -14.13 0.71 -23.18
N PHE B 89 -14.62 0.09 -22.12
CA PHE B 89 -14.22 -1.27 -21.66
C PHE B 89 -12.69 -1.38 -21.48
N LEU B 90 -11.98 -0.28 -21.15
CA LEU B 90 -10.52 -0.35 -20.80
C LEU B 90 -10.33 -0.89 -19.39
N PRO B 91 -11.10 -0.41 -18.38
CA PRO B 91 -10.75 -0.65 -16.98
C PRO B 91 -11.32 -1.92 -16.36
N THR B 92 -10.76 -2.27 -15.20
CA THR B 92 -11.27 -3.38 -14.35
C THR B 92 -11.68 -2.73 -13.03
N SER B 93 -11.04 -3.14 -11.95
CA SER B 93 -11.40 -2.68 -10.58
C SER B 93 -10.91 -1.24 -10.40
N GLY B 94 -11.41 -0.51 -9.41
CA GLY B 94 -10.78 0.77 -9.09
C GLY B 94 -9.33 0.59 -8.68
N ALA B 95 -9.05 -0.43 -7.86
CA ALA B 95 -7.72 -0.65 -7.25
C ALA B 95 -6.72 -0.88 -8.38
N ALA B 96 -7.04 -1.82 -9.25
CA ALA B 96 -6.07 -2.27 -10.28
C ALA B 96 -5.94 -1.19 -11.36
N THR B 97 -7.04 -0.54 -11.75
CA THR B 97 -7.01 0.51 -12.80
C THR B 97 -6.26 1.73 -12.27
N SER B 98 -6.44 2.07 -11.00
CA SER B 98 -5.74 3.20 -10.37
C SER B 98 -4.23 2.97 -10.35
N GLN B 99 -3.80 1.76 -9.98
CA GLN B 99 -2.37 1.39 -10.01
C GLN B 99 -1.85 1.61 -11.43
N ALA B 100 -2.59 1.12 -12.42
CA ALA B 100 -2.27 1.22 -13.86
C ALA B 100 -2.15 2.68 -14.29
N ALA B 101 -3.06 3.56 -13.83
CA ALA B 101 -3.11 4.99 -14.21
C ALA B 101 -1.96 5.78 -13.58
N HIS B 102 -1.60 5.51 -12.33
CA HIS B 102 -0.46 6.17 -11.66
C HIS B 102 0.81 5.87 -12.46
N GLU B 103 1.05 4.59 -12.73
CA GLU B 103 2.26 4.13 -13.46
C GLU B 103 2.27 4.72 -14.88
N TYR B 104 1.13 4.70 -15.55
CA TYR B 104 0.97 5.34 -16.88
C TYR B 104 1.37 6.81 -16.76
N ALA B 105 0.86 7.54 -15.75
CA ALA B 105 1.13 8.98 -15.58
C ALA B 105 2.60 9.27 -15.34
N MSE B 106 3.22 8.45 -14.48
CA MSE B 106 4.59 8.70 -14.06
C MSE B 106 5.51 8.51 -15.26
O MSE B 106 6.53 9.19 -15.35
CB MSE B 106 5.04 7.77 -12.93
CG MSE B 106 4.54 8.13 -11.53
SE MSE B 106 4.37 10.01 -11.08
CE MSE B 106 2.70 10.73 -11.82
N THR B 107 5.13 7.63 -16.20
CA THR B 107 5.97 7.31 -17.34
C THR B 107 5.57 8.10 -18.59
N HIS B 108 4.33 8.61 -18.73
CA HIS B 108 3.87 9.28 -19.98
C HIS B 108 3.42 10.72 -19.77
N MSE B 109 3.05 11.12 -18.54
CA MSE B 109 2.36 12.39 -18.38
C MSE B 109 3.16 13.40 -17.54
O MSE B 109 2.58 14.23 -16.83
CB MSE B 109 0.97 12.12 -17.77
CG MSE B 109 0.04 11.28 -18.63
SE MSE B 109 -1.59 10.90 -17.60
CE MSE B 109 -2.05 12.47 -16.55
N GLN B 110 4.49 13.41 -17.67
CA GLN B 110 5.34 14.29 -16.88
C GLN B 110 5.09 15.76 -17.29
N ASP B 111 5.06 16.05 -18.60
CA ASP B 111 4.84 17.43 -19.13
C ASP B 111 3.39 17.88 -18.85
N GLU B 112 2.43 16.96 -19.00
CA GLU B 112 0.97 17.19 -18.85
C GLU B 112 0.68 17.61 -17.41
N LEU B 113 1.41 17.05 -16.45
CA LEU B 113 1.18 17.27 -15.00
C LEU B 113 2.20 18.26 -14.45
N GLU B 114 2.95 18.96 -15.31
CA GLU B 114 3.95 19.97 -14.86
C GLU B 114 3.26 20.96 -13.90
N GLY B 115 3.86 21.22 -12.74
CA GLY B 115 3.39 22.25 -11.79
C GLY B 115 2.55 21.69 -10.66
N VAL B 116 2.26 20.39 -10.67
CA VAL B 116 1.60 19.73 -9.50
C VAL B 116 2.46 18.53 -9.07
N TYR B 117 2.47 18.28 -7.77
CA TYR B 117 3.04 17.09 -7.13
C TYR B 117 1.93 16.06 -6.97
N PRO B 118 1.98 14.94 -7.71
CA PRO B 118 0.91 13.95 -7.68
C PRO B 118 0.94 13.14 -6.37
N ILE B 119 0.04 13.42 -5.42
CA ILE B 119 -0.17 12.53 -4.25
C ILE B 119 -0.77 11.18 -4.72
N ALA B 120 -1.70 11.19 -5.70
CA ALA B 120 -2.28 9.98 -6.30
C ALA B 120 -2.87 10.32 -7.66
N VAL B 121 -2.42 9.64 -8.71
CA VAL B 121 -3.12 9.64 -10.03
C VAL B 121 -3.83 8.29 -10.12
N HIS B 122 -5.16 8.33 -10.22
CA HIS B 122 -5.98 7.12 -10.05
C HIS B 122 -7.18 7.18 -10.99
N THR B 123 -8.03 6.16 -10.94
CA THR B 123 -9.33 6.19 -11.64
C THR B 123 -10.42 5.96 -10.60
N HIS B 124 -11.67 6.03 -11.03
CA HIS B 124 -12.78 5.58 -10.16
C HIS B 124 -12.99 4.09 -10.45
N SER B 125 -13.80 3.46 -9.65
CA SER B 125 -14.22 2.06 -9.79
C SER B 125 -15.15 1.94 -10.99
N PRO B 126 -15.61 0.74 -11.35
CA PRO B 126 -16.35 0.55 -12.60
C PRO B 126 -17.53 1.51 -12.79
N GLY B 127 -17.52 2.22 -13.91
CA GLY B 127 -18.62 3.10 -14.33
C GLY B 127 -19.83 2.27 -14.74
N ALA B 128 -21.01 2.66 -14.28
CA ALA B 128 -22.28 2.01 -14.68
C ALA B 128 -23.31 3.08 -15.04
N LEU B 129 -24.48 2.63 -15.49
CA LEU B 129 -25.61 3.47 -15.95
C LEU B 129 -26.66 3.57 -14.85
N HIS B 130 -27.13 4.77 -14.58
CA HIS B 130 -28.14 5.08 -13.56
C HIS B 130 -29.16 6.03 -14.17
N THR B 131 -30.45 5.72 -14.05
CA THR B 131 -31.54 6.51 -14.64
C THR B 131 -32.66 6.64 -13.60
N LYS B 132 -33.53 7.62 -13.79
CA LYS B 132 -34.69 7.85 -12.89
C LYS B 132 -35.84 6.88 -13.19
N GLU B 133 -36.07 6.56 -14.46
CA GLU B 133 -37.30 5.84 -14.90
C GLU B 133 -36.98 4.71 -15.87
N THR B 134 -36.11 4.95 -16.84
CA THR B 134 -35.83 3.99 -17.93
C THR B 134 -35.01 2.84 -17.36
N ARG B 135 -35.51 1.61 -17.46
CA ARG B 135 -34.71 0.39 -17.15
C ARG B 135 -33.99 0.05 -18.43
N ILE B 136 -32.65 0.15 -18.46
CA ILE B 136 -31.86 -0.09 -19.70
C ILE B 136 -31.57 -1.59 -19.76
N GLU B 137 -32.38 -2.32 -20.55
CA GLU B 137 -32.23 -3.78 -20.74
C GLU B 137 -31.52 -4.06 -22.07
N ALA B 138 -31.38 -3.04 -22.91
CA ALA B 138 -30.77 -3.14 -24.26
C ALA B 138 -30.32 -1.77 -24.71
N LEU B 139 -29.38 -1.73 -25.65
CA LEU B 139 -28.85 -0.48 -26.27
C LEU B 139 -29.99 0.52 -26.61
N GLU B 140 -31.06 0.06 -27.26
CA GLU B 140 -32.17 0.93 -27.76
C GLU B 140 -32.79 1.72 -26.61
N ASP B 141 -32.73 1.19 -25.40
CA ASP B 141 -33.38 1.83 -24.21
C ASP B 141 -32.67 3.16 -23.90
N ILE B 142 -31.43 3.38 -24.33
CA ILE B 142 -30.66 4.61 -23.94
C ILE B 142 -30.90 5.74 -24.95
N GLU B 143 -31.59 5.46 -26.06
CA GLU B 143 -31.78 6.45 -27.13
C GLU B 143 -32.52 7.67 -26.60
N GLY B 144 -31.90 8.85 -26.78
CA GLY B 144 -32.46 10.17 -26.49
C GLY B 144 -32.49 10.42 -25.01
N LEU B 145 -31.92 9.52 -24.20
CA LEU B 145 -31.85 9.77 -22.74
C LEU B 145 -30.81 10.85 -22.51
N LYS B 146 -31.13 11.82 -21.66
CA LYS B 146 -30.19 12.91 -21.31
C LYS B 146 -29.30 12.37 -20.19
N MSE B 147 -28.04 12.08 -20.54
CA MSE B 147 -27.11 11.35 -19.69
C MSE B 147 -25.89 12.22 -19.35
O MSE B 147 -25.21 12.76 -20.20
CB MSE B 147 -26.65 10.07 -20.38
CG MSE B 147 -27.76 9.09 -20.73
SE MSE B 147 -28.60 8.36 -19.07
CE MSE B 147 -27.14 7.38 -18.22
N ARG B 148 -25.66 12.40 -18.06
CA ARG B 148 -24.51 13.12 -17.53
C ARG B 148 -23.25 12.26 -17.67
N GLY B 149 -22.19 12.77 -18.31
CA GLY B 149 -20.86 12.16 -18.27
C GLY B 149 -19.80 13.17 -17.82
N PRO B 150 -18.61 12.69 -17.41
CA PRO B 150 -17.58 13.55 -16.83
C PRO B 150 -16.59 14.24 -17.79
N SER B 151 -16.43 13.71 -18.98
CA SER B 151 -15.31 14.05 -19.89
C SER B 151 -15.80 14.03 -21.33
N ARG B 152 -15.07 14.71 -22.21
CA ARG B 152 -15.47 14.80 -23.62
C ARG B 152 -15.52 13.37 -24.21
N LEU B 153 -14.60 12.48 -23.82
CA LEU B 153 -14.49 11.12 -24.41
C LEU B 153 -15.59 10.21 -23.86
N VAL B 154 -15.95 10.35 -22.59
CA VAL B 154 -17.06 9.49 -22.09
C VAL B 154 -18.35 9.97 -22.73
N ASN B 155 -18.52 11.29 -22.89
CA ASN B 155 -19.71 11.91 -23.53
C ASN B 155 -19.74 11.52 -25.01
N ARG B 156 -18.60 11.49 -25.71
CA ARG B 156 -18.55 10.99 -27.10
C ARG B 156 -19.21 9.61 -27.13
N TYR B 157 -18.80 8.71 -26.24
CA TYR B 157 -19.27 7.30 -26.24
C TYR B 157 -20.78 7.30 -25.99
N LEU B 158 -21.22 8.09 -25.00
CA LEU B 158 -22.66 8.16 -24.70
C LEU B 158 -23.45 8.57 -25.95
N ALA B 159 -22.97 9.57 -26.71
CA ALA B 159 -23.62 10.05 -27.95
C ALA B 159 -23.65 8.93 -28.99
N LYS B 160 -22.53 8.23 -29.17
CA LYS B 160 -22.43 7.11 -30.14
C LYS B 160 -23.34 5.96 -29.70
N LEU B 161 -23.59 5.78 -28.40
CA LEU B 161 -24.55 4.74 -27.91
C LEU B 161 -25.99 5.19 -28.19
N GLY B 162 -26.22 6.49 -28.43
CA GLY B 162 -27.52 7.04 -28.86
C GLY B 162 -28.10 7.95 -27.77
N ALA B 163 -27.35 8.13 -26.69
CA ALA B 163 -27.78 9.02 -25.59
C ALA B 163 -27.62 10.48 -26.02
N GLU B 164 -28.19 11.42 -25.25
CA GLU B 164 -27.88 12.86 -25.35
C GLU B 164 -27.02 13.24 -24.14
N PRO B 165 -25.68 13.19 -24.28
CA PRO B 165 -24.78 13.54 -23.19
C PRO B 165 -24.90 15.03 -22.84
N ILE B 166 -24.76 15.33 -21.55
CA ILE B 166 -24.71 16.71 -21.02
C ILE B 166 -23.49 16.73 -20.10
N GLY B 167 -22.47 17.50 -20.50
CA GLY B 167 -21.21 17.63 -19.77
C GLY B 167 -21.44 18.44 -18.50
N MSE B 168 -21.12 17.85 -17.37
CA MSE B 168 -21.05 18.60 -16.13
C MSE B 168 -20.34 17.76 -15.09
O MSE B 168 -20.34 16.54 -15.15
CB MSE B 168 -22.44 19.00 -15.64
CG MSE B 168 -23.43 17.87 -15.64
SE MSE B 168 -25.01 18.40 -14.61
CE MSE B 168 -25.70 20.10 -15.32
N PRO B 169 -19.71 18.39 -14.08
CA PRO B 169 -19.19 17.65 -12.94
C PRO B 169 -20.31 16.90 -12.20
N VAL B 170 -19.95 15.79 -11.56
CA VAL B 170 -20.90 14.86 -10.91
C VAL B 170 -21.44 15.60 -9.70
N ALA B 171 -20.71 16.59 -9.20
CA ALA B 171 -21.19 17.41 -8.05
C ALA B 171 -22.49 18.16 -8.40
N GLN B 172 -22.79 18.39 -9.67
CA GLN B 172 -24.02 19.11 -10.13
C GLN B 172 -25.10 18.13 -10.60
N ALA B 173 -24.84 16.82 -10.50
CA ALA B 173 -25.72 15.75 -11.02
C ALA B 173 -27.02 15.69 -10.20
N LEU B 174 -26.97 15.87 -8.88
CA LEU B 174 -28.19 15.76 -8.04
C LEU B 174 -29.15 16.91 -8.36
N GLU B 175 -28.63 18.13 -8.50
CA GLU B 175 -29.43 19.31 -8.92
C GLU B 175 -30.06 19.04 -10.29
N ALA B 176 -29.25 18.59 -11.26
CA ALA B 176 -29.71 18.45 -12.65
C ALA B 176 -30.74 17.31 -12.78
N LEU B 177 -30.57 16.22 -12.04
CA LEU B 177 -31.55 15.10 -12.07
C LEU B 177 -32.84 15.53 -11.39
N SER B 178 -32.76 16.20 -10.22
CA SER B 178 -33.96 16.54 -9.41
C SER B 178 -34.74 17.71 -10.04
N ARG B 179 -34.09 18.49 -10.90
CA ARG B 179 -34.71 19.64 -11.62
C ARG B 179 -35.05 19.28 -13.08
N GLY B 180 -34.97 18.00 -13.45
CA GLY B 180 -35.51 17.49 -14.74
C GLY B 180 -34.63 17.81 -15.94
N VAL B 181 -33.40 18.25 -15.70
CA VAL B 181 -32.42 18.57 -16.79
C VAL B 181 -31.89 17.25 -17.38
N LEU B 182 -31.64 16.27 -16.52
CA LEU B 182 -31.04 14.95 -16.85
C LEU B 182 -32.06 13.85 -16.59
N ASP B 183 -32.00 12.77 -17.36
CA ASP B 183 -32.73 11.49 -17.10
C ASP B 183 -31.84 10.55 -16.28
N GLY B 184 -30.52 10.59 -16.50
CA GLY B 184 -29.60 9.81 -15.69
C GLY B 184 -28.16 10.27 -15.79
N THR B 185 -27.28 9.45 -15.25
CA THR B 185 -25.84 9.76 -15.17
C THR B 185 -25.07 8.44 -15.20
N VAL B 186 -23.88 8.46 -15.80
CA VAL B 186 -22.88 7.42 -15.53
C VAL B 186 -22.11 7.84 -14.26
N ILE B 187 -21.87 6.86 -13.42
CA ILE B 187 -20.90 6.93 -12.29
C ILE B 187 -20.75 5.50 -11.76
N PRO B 188 -19.71 5.25 -10.93
CA PRO B 188 -19.60 3.99 -10.20
C PRO B 188 -20.66 4.01 -9.11
N PHE B 189 -20.99 2.86 -8.52
CA PHE B 189 -22.02 2.84 -7.45
C PHE B 189 -21.58 3.65 -6.23
N GLU B 190 -20.31 3.73 -5.89
CA GLU B 190 -19.96 4.45 -4.61
C GLU B 190 -20.24 5.95 -4.77
N ALA B 191 -20.19 6.48 -6.01
CA ALA B 191 -20.55 7.89 -6.31
C ALA B 191 -22.07 8.07 -6.15
N ILE B 192 -22.86 7.01 -6.37
CA ILE B 192 -24.32 7.01 -6.09
C ILE B 192 -24.47 7.24 -4.59
N THR B 193 -23.69 6.52 -3.79
CA THR B 193 -23.72 6.68 -2.30
C THR B 193 -23.34 8.11 -1.94
N ALA B 194 -22.22 8.61 -2.47
CA ALA B 194 -21.61 9.91 -2.11
C ALA B 194 -22.60 11.05 -2.37
N MSE B 195 -23.30 11.00 -3.51
CA MSE B 195 -24.14 12.11 -3.96
C MSE B 195 -25.60 11.93 -3.55
O MSE B 195 -26.44 12.74 -3.94
CB MSE B 195 -24.04 12.22 -5.49
CG MSE B 195 -22.69 12.71 -5.97
SE MSE B 195 -22.48 14.58 -5.38
CE MSE B 195 -24.07 15.52 -6.09
N GLY B 196 -25.91 10.88 -2.78
CA GLY B 196 -27.26 10.70 -2.27
C GLY B 196 -28.27 10.40 -3.37
N LEU B 197 -27.90 9.59 -4.37
CA LEU B 197 -28.72 9.42 -5.59
C LEU B 197 -29.50 8.10 -5.59
N ALA B 198 -29.34 7.21 -4.61
CA ALA B 198 -29.98 5.88 -4.62
C ALA B 198 -31.51 5.97 -4.75
N ASP B 199 -32.17 6.99 -4.17
CA ASP B 199 -33.65 7.14 -4.24
C ASP B 199 -34.03 8.07 -5.39
N ILE B 200 -33.09 8.48 -6.24
CA ILE B 200 -33.42 9.35 -7.40
C ILE B 200 -33.16 8.57 -8.69
N THR B 201 -31.98 8.04 -8.87
CA THR B 201 -31.69 7.09 -9.98
C THR B 201 -31.84 5.66 -9.43
N THR B 202 -33.02 5.07 -9.57
CA THR B 202 -33.35 3.78 -8.91
C THR B 202 -33.11 2.65 -9.90
N GLU B 203 -32.86 3.01 -11.15
CA GLU B 203 -32.57 2.03 -12.23
C GLU B 203 -31.07 2.05 -12.48
N HIS B 204 -30.44 0.88 -12.44
CA HIS B 204 -28.98 0.71 -12.60
C HIS B 204 -28.72 -0.40 -13.61
N THR B 205 -27.80 -0.18 -14.53
CA THR B 205 -27.41 -1.19 -15.54
C THR B 205 -25.90 -1.44 -15.53
N ILE B 206 -25.56 -2.73 -15.45
CA ILE B 206 -24.15 -3.23 -15.43
C ILE B 206 -24.05 -4.26 -16.54
N PHE B 207 -22.81 -4.64 -16.83
CA PHE B 207 -22.41 -5.42 -18.02
C PHE B 207 -21.78 -6.74 -17.59
N SER B 208 -21.85 -7.72 -18.50
CA SER B 208 -21.18 -9.04 -18.39
C SER B 208 -19.69 -8.86 -18.69
N GLY B 209 -18.87 -9.79 -18.20
CA GLY B 209 -17.46 -9.93 -18.64
C GLY B 209 -16.47 -9.22 -17.73
N ASP B 210 -15.21 -9.19 -18.17
CA ASP B 210 -14.00 -8.93 -17.35
C ASP B 210 -13.59 -7.46 -17.46
N ARG B 211 -14.42 -6.60 -18.07
CA ARG B 211 -14.12 -5.15 -18.24
C ARG B 211 -15.35 -4.31 -17.94
N ALA B 212 -15.12 -3.17 -17.29
CA ALA B 212 -16.16 -2.18 -16.96
C ALA B 212 -16.42 -1.27 -18.16
N LEU B 213 -17.63 -0.74 -18.25
CA LEU B 213 -18.04 0.18 -19.34
C LEU B 213 -16.97 1.25 -19.56
N TYR B 214 -16.62 2.01 -18.53
CA TYR B 214 -15.59 3.08 -18.66
C TYR B 214 -15.14 3.46 -17.24
N THR B 215 -14.06 4.21 -17.17
CA THR B 215 -13.69 5.00 -15.98
C THR B 215 -13.12 6.33 -16.48
N THR B 216 -12.56 7.11 -15.57
CA THR B 216 -11.86 8.39 -15.90
C THR B 216 -10.78 8.65 -14.85
N MSE B 217 -9.71 9.31 -15.30
CA MSE B 217 -8.53 9.54 -14.49
C MSE B 217 -8.77 10.75 -13.61
O MSE B 217 -9.29 11.77 -14.04
CB MSE B 217 -7.26 9.76 -15.31
CG MSE B 217 -6.00 9.85 -14.44
SE MSE B 217 -4.42 9.82 -15.61
CE MSE B 217 -4.52 8.23 -16.76
N MSE B 218 -8.40 10.56 -12.35
CA MSE B 218 -8.55 11.55 -11.33
C MSE B 218 -7.19 11.78 -10.67
O MSE B 218 -6.28 10.97 -10.82
CB MSE B 218 -9.60 11.04 -10.34
CG MSE B 218 -10.76 10.34 -11.02
SE MSE B 218 -12.24 10.22 -9.73
CE MSE B 218 -12.49 11.70 -8.50
N ILE B 219 -7.07 12.85 -9.90
CA ILE B 219 -5.78 13.19 -9.33
C ILE B 219 -6.02 13.81 -7.95
N VAL B 220 -5.25 13.39 -6.95
CA VAL B 220 -5.06 14.19 -5.70
C VAL B 220 -3.77 14.95 -5.98
N ALA B 221 -3.86 16.26 -6.23
CA ALA B 221 -2.75 17.09 -6.72
C ALA B 221 -2.40 18.13 -5.67
N MSE B 222 -1.11 18.26 -5.37
CA MSE B 222 -0.62 19.29 -4.49
C MSE B 222 0.09 20.35 -5.33
O MSE B 222 0.73 20.06 -6.32
CB MSE B 222 0.32 18.68 -3.46
CG MSE B 222 0.99 19.70 -2.59
SE MSE B 222 1.92 18.78 -1.15
CE MSE B 222 1.92 20.11 0.27
N ASP B 223 0.01 21.61 -4.88
CA ASP B 223 0.76 22.68 -5.52
C ASP B 223 2.26 22.35 -5.51
N GLN B 224 2.91 22.16 -6.65
CA GLN B 224 4.36 21.85 -6.69
C GLN B 224 5.11 22.95 -5.93
N ASP B 225 4.71 24.22 -6.07
CA ASP B 225 5.32 25.38 -5.36
C ASP B 225 5.26 25.16 -3.85
N LYS B 226 4.11 24.74 -3.31
CA LYS B 226 3.97 24.51 -1.85
C LYS B 226 4.78 23.27 -1.41
N TYR B 227 4.85 22.21 -2.19
CA TYR B 227 5.70 21.05 -1.84
C TYR B 227 7.16 21.52 -1.76
N ASP B 228 7.61 22.31 -2.75
CA ASP B 228 9.00 22.82 -2.82
C ASP B 228 9.30 23.80 -1.67
N ALA B 229 8.30 24.48 -1.12
CA ALA B 229 8.46 25.48 -0.03
C ALA B 229 8.64 24.78 1.32
N LEU B 230 8.28 23.49 1.39
CA LEU B 230 8.38 22.69 2.63
C LEU B 230 9.86 22.46 2.94
N PRO B 231 10.24 22.50 4.24
CA PRO B 231 11.58 22.08 4.66
C PRO B 231 11.92 20.62 4.32
N GLU B 232 13.22 20.33 4.33
CA GLU B 232 13.75 19.03 3.83
C GLU B 232 13.30 17.89 4.75
N ASP B 233 12.86 18.17 5.98
CA ASP B 233 12.36 17.11 6.88
C ASP B 233 10.83 16.97 6.79
N LEU B 234 10.11 17.85 6.08
CA LEU B 234 8.63 17.69 5.92
C LEU B 234 8.30 17.14 4.52
N GLN B 235 9.07 17.46 3.48
CA GLN B 235 8.84 16.86 2.15
C GLN B 235 8.70 15.34 2.28
N PRO B 236 9.59 14.62 3.00
CA PRO B 236 9.55 13.16 3.03
C PRO B 236 8.30 12.60 3.74
N ILE B 237 7.70 13.38 4.63
CA ILE B 237 6.41 13.01 5.29
C ILE B 237 5.30 12.96 4.22
N ILE B 238 5.23 13.96 3.34
CA ILE B 238 4.30 13.97 2.17
C ILE B 238 4.64 12.74 1.32
N ASP B 239 5.93 12.53 1.04
CA ASP B 239 6.37 11.45 0.14
C ASP B 239 5.87 10.08 0.65
N ALA B 240 5.87 9.88 1.98
CA ALA B 240 5.48 8.63 2.65
C ALA B 240 4.02 8.31 2.33
N HIS B 241 3.23 9.32 1.92
CA HIS B 241 1.77 9.22 1.69
C HIS B 241 1.45 9.74 0.30
N ALA B 242 2.29 9.41 -0.68
CA ALA B 242 2.12 9.86 -2.07
C ALA B 242 2.67 8.75 -2.96
N GLY B 243 2.01 8.48 -4.09
CA GLY B 243 2.51 7.57 -5.14
C GLY B 243 1.50 6.50 -5.47
N GLY B 244 1.93 5.45 -6.16
CA GLY B 244 1.06 4.37 -6.68
C GLY B 244 0.35 3.62 -5.57
N ARG B 245 0.92 3.55 -4.36
CA ARG B 245 0.30 2.85 -3.22
C ARG B 245 -0.96 3.62 -2.81
N GLU B 246 -0.92 4.96 -2.92
CA GLU B 246 -2.08 5.82 -2.55
C GLU B 246 -3.14 5.67 -3.64
N ALA B 247 -2.72 5.59 -4.91
CA ALA B 247 -3.62 5.37 -6.07
C ALA B 247 -4.37 4.04 -5.90
N TYR B 248 -3.64 2.96 -5.60
CA TYR B 248 -4.23 1.62 -5.33
C TYR B 248 -5.27 1.73 -4.23
N ARG B 249 -4.87 2.40 -3.16
CA ARG B 249 -5.64 2.47 -1.90
C ARG B 249 -6.95 3.21 -2.14
N ILE B 250 -6.89 4.36 -2.80
CA ILE B 250 -8.11 5.11 -3.20
C ILE B 250 -9.00 4.19 -4.05
N GLY B 251 -8.47 3.53 -5.06
CA GLY B 251 -9.30 2.62 -5.85
C GLY B 251 -9.93 1.52 -5.02
N GLN B 252 -9.19 0.95 -4.07
CA GLN B 252 -9.62 -0.17 -3.21
C GLN B 252 -10.81 0.30 -2.37
N ILE B 253 -10.70 1.50 -1.81
CA ILE B 253 -11.76 2.15 -0.99
C ILE B 253 -13.05 2.25 -1.82
N MSE B 254 -12.93 2.61 -3.10
CA MSE B 254 -14.08 2.80 -3.96
C MSE B 254 -14.68 1.44 -4.31
O MSE B 254 -15.91 1.30 -4.36
CB MSE B 254 -13.67 3.54 -5.24
CG MSE B 254 -13.17 4.98 -5.05
SE MSE B 254 -12.20 5.52 -6.69
CE MSE B 254 -12.59 7.45 -6.73
N ASP B 255 -13.82 0.46 -4.60
CA ASP B 255 -14.27 -0.89 -4.90
C ASP B 255 -15.12 -1.44 -3.75
N GLN B 256 -14.67 -1.24 -2.51
CA GLN B 256 -15.33 -1.73 -1.29
C GLN B 256 -16.68 -1.01 -1.12
N ALA B 257 -16.69 0.31 -1.33
CA ALA B 257 -17.93 1.13 -1.27
C ALA B 257 -18.88 0.73 -2.41
N ASP B 258 -18.38 0.39 -3.59
CA ASP B 258 -19.31 -0.08 -4.61
C ASP B 258 -20.01 -1.33 -4.12
N HIS B 259 -19.22 -2.26 -3.58
CA HIS B 259 -19.70 -3.62 -3.20
C HIS B 259 -20.80 -3.42 -2.15
N ARG B 260 -20.57 -2.56 -1.15
CA ARG B 260 -21.56 -2.21 -0.11
C ARG B 260 -22.86 -1.70 -0.77
N GLN B 261 -22.75 -0.78 -1.74
CA GLN B 261 -23.96 -0.15 -2.34
C GLN B 261 -24.66 -1.18 -3.24
N ILE B 262 -23.90 -1.94 -4.02
CA ILE B 262 -24.50 -2.99 -4.89
C ILE B 262 -25.22 -4.02 -4.01
N LEU B 263 -24.56 -4.50 -2.95
CA LEU B 263 -25.12 -5.57 -2.09
C LEU B 263 -26.42 -5.04 -1.47
N ALA B 264 -26.43 -3.77 -1.10
CA ALA B 264 -27.57 -3.14 -0.38
C ALA B 264 -28.80 -3.09 -1.32
N ILE B 265 -28.58 -2.82 -2.61
CA ILE B 265 -29.68 -2.80 -3.62
C ILE B 265 -30.10 -4.24 -3.95
N GLN B 266 -29.15 -5.14 -4.24
CA GLN B 266 -29.46 -6.54 -4.64
C GLN B 266 -30.30 -7.18 -3.54
N SER B 267 -30.04 -6.80 -2.29
CA SER B 267 -30.67 -7.41 -1.10
C SER B 267 -32.05 -6.80 -0.83
N GLY B 268 -32.41 -5.69 -1.46
CA GLY B 268 -33.64 -4.94 -1.16
C GLY B 268 -33.53 -4.08 0.10
N GLU B 269 -32.35 -3.92 0.70
CA GLU B 269 -32.18 -3.01 1.88
C GLU B 269 -32.34 -1.56 1.41
N GLN B 270 -32.01 -1.32 0.14
CA GLN B 270 -32.15 -0.03 -0.57
C GLN B 270 -33.03 -0.26 -1.79
N PRO B 271 -34.08 0.56 -2.01
CA PRO B 271 -34.84 0.53 -3.25
C PRO B 271 -33.95 0.63 -4.50
N GLY B 272 -34.39 -0.02 -5.56
CA GLY B 272 -33.78 0.05 -6.90
C GLY B 272 -33.65 -1.32 -7.51
N THR B 273 -33.21 -1.36 -8.75
CA THR B 273 -33.06 -2.58 -9.56
C THR B 273 -31.72 -2.47 -10.24
N ILE B 274 -30.91 -3.52 -10.18
CA ILE B 274 -29.65 -3.61 -10.96
C ILE B 274 -29.93 -4.60 -12.07
N THR B 275 -29.91 -4.10 -13.31
CA THR B 275 -30.16 -4.88 -14.52
C THR B 275 -28.79 -5.25 -15.06
N ARG B 276 -28.54 -6.56 -15.23
CA ARG B 276 -27.24 -7.08 -15.70
C ARG B 276 -27.43 -7.46 -17.17
N LEU B 277 -26.64 -6.88 -18.07
CA LEU B 277 -26.75 -7.21 -19.52
C LEU B 277 -25.85 -8.41 -19.80
N GLY B 278 -26.40 -9.44 -20.44
CA GLY B 278 -25.70 -10.69 -20.79
C GLY B 278 -24.65 -10.44 -21.83
N SER B 279 -23.88 -11.47 -22.18
CA SER B 279 -22.69 -11.36 -23.07
C SER B 279 -23.10 -10.87 -24.46
N GLU B 280 -24.22 -11.35 -25.01
CA GLU B 280 -24.62 -11.00 -26.40
C GLU B 280 -24.97 -9.51 -26.43
N GLU B 281 -25.78 -9.04 -25.49
CA GLU B 281 -26.19 -7.61 -25.43
C GLU B 281 -24.93 -6.77 -25.15
N THR B 282 -24.14 -7.16 -24.13
CA THR B 282 -22.92 -6.43 -23.71
C THR B 282 -21.99 -6.25 -24.90
N ALA B 283 -21.88 -7.30 -25.71
CA ALA B 283 -21.07 -7.29 -26.96
C ALA B 283 -21.47 -6.12 -27.86
N ARG B 284 -22.76 -5.77 -27.96
CA ARG B 284 -23.21 -4.62 -28.81
C ARG B 284 -22.66 -3.30 -28.26
N TRP B 285 -22.61 -3.12 -26.94
CA TRP B 285 -22.06 -1.89 -26.32
C TRP B 285 -20.55 -1.84 -26.54
N GLN B 286 -19.91 -3.00 -26.60
CA GLN B 286 -18.46 -3.12 -26.84
C GLN B 286 -18.17 -2.75 -28.29
N ALA B 287 -19.09 -3.07 -29.19
CA ALA B 287 -18.97 -2.77 -30.63
C ALA B 287 -18.97 -1.25 -30.82
N VAL B 288 -19.88 -0.52 -30.17
CA VAL B 288 -19.91 0.97 -30.24
C VAL B 288 -18.61 1.49 -29.61
N GLY B 289 -18.18 0.90 -28.50
CA GLY B 289 -16.93 1.25 -27.80
C GLY B 289 -15.74 1.18 -28.73
N GLN B 290 -15.66 0.14 -29.56
CA GLN B 290 -14.56 -0.06 -30.53
C GLN B 290 -14.43 1.16 -31.47
N GLU B 291 -15.54 1.75 -31.91
CA GLU B 291 -15.53 2.98 -32.77
C GLU B 291 -14.90 4.14 -31.99
N VAL B 292 -15.17 4.24 -30.70
CA VAL B 292 -14.59 5.35 -29.90
C VAL B 292 -13.07 5.18 -29.80
N VAL B 293 -12.60 3.95 -29.60
CA VAL B 293 -11.14 3.63 -29.48
C VAL B 293 -10.47 3.95 -30.83
N ASP B 294 -11.06 3.49 -31.94
CA ASP B 294 -10.43 3.73 -33.28
C ASP B 294 -10.32 5.25 -33.50
N GLU B 295 -11.42 5.95 -33.28
CA GLU B 295 -11.52 7.41 -33.48
C GLU B 295 -10.47 8.11 -32.59
N TRP B 296 -10.33 7.69 -31.33
CA TRP B 296 -9.37 8.33 -30.40
C TRP B 296 -7.93 8.10 -30.88
N ILE B 297 -7.61 6.89 -31.31
CA ILE B 297 -6.21 6.54 -31.74
C ILE B 297 -5.84 7.35 -32.98
N ALA B 298 -6.79 7.54 -33.90
CA ALA B 298 -6.63 8.39 -35.09
C ALA B 298 -6.44 9.87 -34.66
N GLU B 299 -7.32 10.40 -33.80
CA GLU B 299 -7.24 11.81 -33.32
C GLU B 299 -5.92 12.02 -32.57
N ALA B 300 -5.47 11.01 -31.83
CA ALA B 300 -4.18 11.01 -31.09
C ALA B 300 -3.04 11.22 -32.08
N GLU B 301 -3.04 10.44 -33.16
CA GLU B 301 -2.05 10.52 -34.28
C GLU B 301 -2.07 11.93 -34.89
N GLU B 302 -3.25 12.53 -35.05
CA GLU B 302 -3.41 13.89 -35.62
C GLU B 302 -2.70 14.90 -34.71
N LYS B 303 -2.70 14.68 -33.40
CA LYS B 303 -2.14 15.63 -32.40
C LYS B 303 -0.66 15.31 -32.13
N GLY B 304 -0.06 14.39 -32.89
CA GLY B 304 1.35 14.01 -32.74
C GLY B 304 1.62 13.13 -31.52
N LEU B 305 0.59 12.48 -30.98
CA LEU B 305 0.73 11.45 -29.90
C LEU B 305 0.83 10.08 -30.58
N ASP B 306 1.52 9.13 -29.96
CA ASP B 306 1.55 7.74 -30.44
C ASP B 306 0.34 7.01 -29.83
N GLY B 307 -0.81 7.14 -30.48
CA GLY B 307 -2.10 6.60 -30.02
C GLY B 307 -2.01 5.14 -29.63
N GLN B 308 -1.47 4.29 -30.50
CA GLN B 308 -1.43 2.83 -30.29
C GLN B 308 -0.59 2.52 -29.05
N MSE B 309 0.53 3.23 -28.88
CA MSE B 309 1.45 2.88 -27.81
C MSE B 309 0.85 3.30 -26.47
O MSE B 309 1.00 2.59 -25.48
CB MSE B 309 2.81 3.53 -27.97
CG MSE B 309 3.72 3.19 -26.81
SE MSE B 309 3.83 4.67 -25.51
CE MSE B 309 5.50 5.09 -26.51
N LEU B 310 0.20 4.45 -26.44
CA LEU B 310 -0.46 4.88 -25.22
C LEU B 310 -1.56 3.86 -24.90
N TYR B 311 -2.38 3.48 -25.89
CA TYR B 311 -3.49 2.52 -25.70
C TYR B 311 -2.95 1.16 -25.28
N ASP B 312 -1.90 0.68 -25.92
CA ASP B 312 -1.27 -0.62 -25.56
C ASP B 312 -0.67 -0.56 -24.16
N ASP B 313 -0.02 0.55 -23.79
CA ASP B 313 0.63 0.66 -22.46
C ASP B 313 -0.46 0.71 -21.38
N ALA B 314 -1.55 1.46 -21.61
CA ALA B 314 -2.65 1.57 -20.60
C ALA B 314 -3.32 0.21 -20.44
N THR B 315 -3.59 -0.48 -21.55
CA THR B 315 -4.30 -1.79 -21.54
C THR B 315 -3.41 -2.85 -20.86
N ARG B 316 -2.10 -2.90 -21.18
CA ARG B 316 -1.15 -3.87 -20.58
C ARG B 316 -1.12 -3.68 -19.07
N LEU B 317 -0.97 -2.43 -18.63
CA LEU B 317 -0.81 -2.05 -17.20
C LEU B 317 -2.09 -2.46 -16.44
N VAL B 318 -3.26 -2.22 -17.03
CA VAL B 318 -4.55 -2.69 -16.45
C VAL B 318 -4.48 -4.21 -16.29
N GLU B 319 -4.13 -4.95 -17.35
CA GLU B 319 -4.06 -6.43 -17.34
C GLU B 319 -3.07 -6.87 -16.26
N ARG B 320 -1.89 -6.27 -16.24
CA ARG B 320 -0.76 -6.61 -15.34
C ARG B 320 -1.24 -6.54 -13.90
N TYR B 321 -1.84 -5.42 -13.50
CA TYR B 321 -2.22 -5.15 -12.09
C TYR B 321 -3.50 -5.90 -11.72
N THR B 322 -4.38 -6.15 -12.70
CA THR B 322 -5.57 -7.02 -12.53
C THR B 322 -5.09 -8.44 -12.23
N ARG B 323 -4.17 -8.98 -13.04
CA ARG B 323 -3.59 -10.33 -12.88
C ARG B 323 -2.87 -10.41 -11.54
N ALA B 324 -2.05 -9.41 -11.23
CA ALA B 324 -1.33 -9.28 -9.92
C ALA B 324 -2.34 -9.37 -8.76
N ALA B 325 -3.40 -8.57 -8.76
CA ALA B 325 -4.39 -8.58 -7.65
C ALA B 325 -5.00 -9.98 -7.53
N ALA B 326 -5.44 -10.56 -8.65
CA ALA B 326 -6.13 -11.87 -8.72
C ALA B 326 -5.19 -12.99 -8.23
N LEU B 327 -3.89 -12.88 -8.48
CA LEU B 327 -2.89 -13.91 -8.05
C LEU B 327 -2.77 -13.93 -6.51
N GLU B 328 -2.70 -12.77 -5.87
CA GLU B 328 -2.83 -12.66 -4.39
C GLU B 328 -4.24 -13.12 -3.99
MG MG C . -3.83 -25.13 11.61
C1 DHC D . 15.44 -10.29 16.97
O1 DHC D . 15.39 -11.32 17.65
C2 DHC D . 14.14 -9.54 16.71
C3 DHC D . 14.02 -8.52 15.85
C1' DHC D . 12.89 -7.60 15.70
C2' DHC D . 13.08 -6.37 15.06
C3' DHC D . 12.04 -5.46 14.94
C4' DHC D . 10.80 -5.73 15.53
C5' DHC D . 10.62 -6.92 16.21
C6' DHC D . 11.67 -7.82 16.33
O4' DHC D . 9.81 -4.80 15.42
O3' DHC D . 12.22 -4.30 14.24
O2 DHC D . 16.49 -9.85 16.48
MG MG E . 2.04 26.37 -8.21
MG MG F . -37.62 2.77 -26.06
C1 DHC G . -17.65 12.41 -12.55
O1 DHC G . -18.14 11.48 -13.22
C2 DHC G . -16.98 12.09 -11.26
C3 DHC G . -16.84 10.85 -10.79
C1' DHC G . -16.43 10.42 -9.46
C2' DHC G . -16.58 9.07 -9.13
C3' DHC G . -16.22 8.60 -7.89
C4' DHC G . -15.71 9.47 -6.92
C5' DHC G . -15.54 10.80 -7.25
C6' DHC G . -15.94 11.28 -8.48
O4' DHC G . -15.39 9.02 -5.67
O3' DHC G . -16.35 7.26 -7.64
O2 DHC G . -17.68 13.58 -12.89
#